data_6OAC
#
_entry.id   6OAC
#
_cell.length_a   58.926
_cell.length_b   135.511
_cell.length_c   144.498
_cell.angle_alpha   90.000
_cell.angle_beta   90.000
_cell.angle_gamma   90.000
#
_symmetry.space_group_name_H-M   'P 21 21 21'
#
loop_
_entity.id
_entity.type
_entity.pdbx_description
1 polymer 'Phosphatidylinositol 4,5-bisphosphate 3-kinase catalytic subunit alpha isoform'
2 non-polymer 4-(difluoromethyl)-5-{4-[(3S)-3-methylmorpholin-4-yl]-6-(morpholin-4-yl)-1,3,5-triazin-2-yl}pyridin-2-amine
#
_entity_poly.entity_id   1
_entity_poly.type   'polypeptide(L)'
_entity_poly.pdbx_seq_one_letter_code
;AGTMVGNREEKILNREIGFAIGMPVCEFDMVKDPEVQDFRRNILNVCKEAVDLRDLNSPHSRAMYVYPPNVESSPELPKH
IYNKLDKGQIIVVIWVIVSPNNDKQKYTLKINHDCVPEQVIAEAIRKKTRSMLLSSEQLKLCVLEYQGKYILKVCGCDEY
FLEKYPLSQYKYIRSCIMLGRMPNLMLMAKESLYSQLPMDCFTMPSYSRRISTATPYMNGETSTKSLWVINSALRIKILC
ATYVNVNIRDIDKIYVRTGIYHGGEPLCDNVNTQRVPCSNPRWNEWLNYDIYIPDLPRAARLCLSICSVKGRKGAKEEHC
PLAWGNINLFDYTDTLVSGKMALNLWPVPHGLEDLLNPIGVTGSNPNKETPCLELEFDWFSSVVKFPDMSVIEEHANWSV
SREAGFSYSHAGLSNRLARDNELRENDKEQLKAISTRDPLSEITEQEKDFLWSHRHYCVTIPEILPKLLLSVKWNSRDEV
AQMYCLVKDWPPIKPEQAMELLDCNYPDPMVRGFAVRCLEKYLTDDKLSQYLIQLVQVLKYEQYLDNLLVRFLLKKALTN
QRIGHFFFWHLKSEMHNKTVSQRFGLLLESYCRACGMYLKHLNRQVEAMEKLINLTDILKQEKKDETQKVQMKFLVEQMR
RPDFMDALQGFLSPLNPAHQLGNLRLEECRIMSSAKRPLWLNWENPDIMSELLFQNNEIIFKNGDDLRQDMLTLQIIRIM
ENIWQNQGLDLRMLPYGCLSIGDCVGLIEVVRNSHTIMQIQCKGGLKGALQFNSHTLHQWLKDKNKGEIYDAAIDLFTRS
CAGYCVATFILGIGDRHNSNIMVKDDGQLFHIDFGHFLDHKKKKFGYKRERVPFVLTQDFLIVISKGAQECTKTREFERF
QEMCYKAYLAIRQHANLFINLFSMMLGSGMPELQSFDDIAYIRKTLALDKTEQEALEYFMKQMNDAHH
;
_entity_poly.pdbx_strand_id   A
#
loop_
_chem_comp.id
_chem_comp.type
_chem_comp.name
_chem_comp.formula
M1J non-polymer 4-(difluoromethyl)-5-{4-[(3S)-3-methylmorpholin-4-yl]-6-(morpholin-4-yl)-1,3,5-triazin-2-yl}pyridin-2-amine 'C18 H23 F2 N7 O2'
#
# COMPACT_ATOMS: atom_id res chain seq x y z
N ASN A 7 -15.29 -31.48 12.83
CA ASN A 7 -15.37 -32.31 11.63
C ASN A 7 -14.01 -32.41 10.96
N ARG A 8 -13.98 -33.11 9.81
CA ARG A 8 -12.73 -33.26 9.07
C ARG A 8 -12.35 -31.98 8.34
N GLU A 9 -13.26 -31.48 7.49
CA GLU A 9 -13.01 -30.25 6.77
C GLU A 9 -12.55 -29.14 7.72
N GLU A 10 -13.15 -29.06 8.90
CA GLU A 10 -12.77 -28.05 9.88
C GLU A 10 -11.30 -28.23 10.28
N LYS A 11 -10.93 -29.45 10.69
CA LYS A 11 -9.56 -29.70 11.14
C LYS A 11 -8.57 -29.37 10.03
N ILE A 12 -8.76 -29.93 8.85
CA ILE A 12 -7.85 -29.68 7.73
C ILE A 12 -7.72 -28.18 7.48
N LEU A 13 -8.86 -27.51 7.29
CA LEU A 13 -8.84 -26.07 7.06
C LEU A 13 -8.07 -25.34 8.15
N ASN A 14 -8.17 -25.81 9.40
CA ASN A 14 -7.45 -25.17 10.49
C ASN A 14 -5.95 -25.37 10.35
N ARG A 15 -5.50 -26.58 10.02
CA ARG A 15 -4.08 -26.81 9.83
C ARG A 15 -3.53 -25.95 8.70
N GLU A 16 -4.23 -25.91 7.57
CA GLU A 16 -3.76 -25.13 6.43
C GLU A 16 -3.73 -23.64 6.76
N ILE A 17 -4.80 -23.12 7.35
CA ILE A 17 -4.82 -21.72 7.77
C ILE A 17 -3.64 -21.44 8.69
N GLY A 18 -3.38 -22.35 9.63
CA GLY A 18 -2.24 -22.17 10.52
C GLY A 18 -0.93 -22.07 9.77
N PHE A 19 -0.74 -22.93 8.77
CA PHE A 19 0.50 -22.88 7.99
C PHE A 19 0.60 -21.57 7.22
N ALA A 20 -0.50 -21.11 6.63
CA ALA A 20 -0.46 -19.89 5.83
C ALA A 20 -0.16 -18.67 6.69
N ILE A 21 -0.89 -18.52 7.80
CA ILE A 21 -0.69 -17.34 8.64
C ILE A 21 0.66 -17.41 9.37
N GLY A 22 1.16 -18.61 9.62
CA GLY A 22 2.38 -18.83 10.35
C GLY A 22 2.17 -19.39 11.74
N MET A 23 1.06 -19.03 12.38
CA MET A 23 0.69 -19.52 13.70
C MET A 23 -0.54 -20.40 13.62
N PRO A 24 -0.72 -21.31 14.56
CA PRO A 24 -1.90 -22.18 14.54
C PRO A 24 -3.15 -21.44 15.00
N VAL A 25 -4.28 -21.87 14.46
CA VAL A 25 -5.56 -21.22 14.79
C VAL A 25 -5.89 -21.39 16.26
N CYS A 26 -5.45 -22.50 16.87
CA CYS A 26 -5.84 -22.81 18.25
C CYS A 26 -5.31 -21.80 19.26
N GLU A 27 -4.40 -20.91 18.85
CA GLU A 27 -3.97 -19.85 19.75
C GLU A 27 -4.97 -18.71 19.82
N PHE A 28 -5.64 -18.41 18.70
CA PHE A 28 -6.71 -17.41 18.71
C PHE A 28 -7.82 -17.81 19.68
N ASP A 29 -8.11 -19.11 19.77
CA ASP A 29 -9.17 -19.57 20.66
C ASP A 29 -8.81 -19.34 22.12
N MET A 30 -7.57 -19.64 22.51
CA MET A 30 -7.12 -19.46 23.89
C MET A 30 -6.93 -18.01 24.28
N VAL A 31 -7.34 -17.06 23.45
CA VAL A 31 -7.18 -15.63 23.76
C VAL A 31 -8.44 -15.20 24.49
N LYS A 32 -8.44 -15.38 25.81
CA LYS A 32 -9.56 -14.93 26.63
C LYS A 32 -9.69 -13.42 26.55
N ASP A 33 -10.27 -12.92 25.46
CA ASP A 33 -10.49 -11.50 25.26
C ASP A 33 -11.80 -11.30 24.51
N PRO A 34 -12.77 -10.56 25.08
CA PRO A 34 -14.07 -10.43 24.41
C PRO A 34 -13.97 -9.91 22.98
N GLU A 35 -13.26 -8.78 22.79
CA GLU A 35 -13.22 -8.18 21.45
C GLU A 35 -12.61 -9.12 20.42
N VAL A 36 -11.70 -9.99 20.84
CA VAL A 36 -11.08 -10.93 19.90
C VAL A 36 -12.11 -11.92 19.39
N GLN A 37 -12.78 -12.62 20.31
CA GLN A 37 -13.80 -13.59 19.90
C GLN A 37 -14.91 -12.93 19.12
N ASP A 38 -15.38 -11.77 19.59
CA ASP A 38 -16.45 -11.06 18.88
C ASP A 38 -16.01 -10.56 17.51
N PHE A 39 -14.71 -10.34 17.30
CA PHE A 39 -14.25 -10.02 15.95
C PHE A 39 -14.20 -11.28 15.09
N ARG A 40 -13.67 -12.37 15.62
CA ARG A 40 -13.59 -13.60 14.86
C ARG A 40 -14.97 -14.10 14.46
N ARG A 41 -15.99 -13.80 15.25
CA ARG A 41 -17.36 -14.16 14.89
C ARG A 41 -18.02 -13.09 14.02
N ASN A 42 -18.20 -11.89 14.59
CA ASN A 42 -18.89 -10.81 13.89
C ASN A 42 -18.29 -10.53 12.51
N ILE A 43 -17.02 -10.89 12.28
CA ILE A 43 -16.39 -10.66 10.98
C ILE A 43 -16.84 -11.64 9.92
N LEU A 44 -17.72 -12.58 10.26
CA LEU A 44 -18.04 -13.68 9.35
C LEU A 44 -19.12 -13.34 8.33
N ASN A 45 -20.03 -12.42 8.63
CA ASN A 45 -21.04 -12.05 7.64
C ASN A 45 -20.44 -11.26 6.48
N VAL A 46 -19.23 -10.72 6.64
CA VAL A 46 -18.52 -10.15 5.50
C VAL A 46 -18.08 -11.26 4.55
N CYS A 47 -17.48 -12.32 5.11
CA CYS A 47 -17.18 -13.50 4.30
C CYS A 47 -18.44 -14.04 3.65
N LYS A 48 -19.56 -14.04 4.38
CA LYS A 48 -20.83 -14.50 3.81
C LYS A 48 -21.23 -13.64 2.61
N GLU A 49 -21.23 -12.33 2.79
CA GLU A 49 -21.55 -11.43 1.68
C GLU A 49 -20.68 -11.73 0.47
N ALA A 50 -19.35 -11.81 0.68
CA ALA A 50 -18.44 -12.03 -0.43
C ALA A 50 -18.73 -13.35 -1.13
N VAL A 51 -18.91 -14.42 -0.37
CA VAL A 51 -19.17 -15.73 -0.97
C VAL A 51 -20.48 -15.70 -1.76
N ASP A 52 -21.54 -15.16 -1.15
CA ASP A 52 -22.81 -15.01 -1.85
C ASP A 52 -22.61 -14.27 -3.17
N LEU A 53 -21.77 -13.23 -3.17
CA LEU A 53 -21.44 -12.56 -4.42
C LEU A 53 -20.72 -13.50 -5.38
N ARG A 54 -19.93 -14.43 -4.84
CA ARG A 54 -19.17 -15.33 -5.70
C ARG A 54 -20.08 -16.36 -6.37
N ASP A 55 -21.08 -16.86 -5.67
CA ASP A 55 -22.00 -17.84 -6.22
C ASP A 55 -23.27 -17.21 -6.79
N LEU A 56 -23.37 -15.89 -6.79
CA LEU A 56 -24.59 -15.23 -7.26
C LEU A 56 -24.85 -15.53 -8.73
N ASN A 57 -23.82 -15.35 -9.57
CA ASN A 57 -23.91 -15.70 -10.98
C ASN A 57 -23.28 -17.05 -11.28
N SER A 58 -22.99 -17.84 -10.24
CA SER A 58 -22.43 -19.18 -10.34
C SER A 58 -21.12 -19.15 -11.13
N PRO A 59 -20.95 -19.92 -12.22
CA PRO A 59 -19.59 -20.08 -12.75
C PRO A 59 -18.97 -18.78 -13.25
N HIS A 60 -19.73 -17.95 -13.97
CA HIS A 60 -19.15 -16.70 -14.46
C HIS A 60 -18.71 -15.82 -13.30
N SER A 61 -19.53 -15.72 -12.25
CA SER A 61 -19.14 -14.93 -11.09
C SER A 61 -17.88 -15.50 -10.44
N ARG A 62 -17.75 -16.82 -10.43
CA ARG A 62 -16.53 -17.44 -9.89
C ARG A 62 -15.31 -17.06 -10.73
N ALA A 63 -15.35 -17.37 -12.03
CA ALA A 63 -14.25 -17.02 -12.92
C ALA A 63 -13.87 -15.55 -12.77
N MET A 64 -14.87 -14.67 -12.65
CA MET A 64 -14.58 -13.26 -12.40
C MET A 64 -13.87 -13.07 -11.06
N TYR A 65 -14.24 -13.86 -10.06
CA TYR A 65 -13.59 -13.74 -8.76
C TYR A 65 -12.13 -14.15 -8.83
N VAL A 66 -11.81 -15.17 -9.62
CA VAL A 66 -10.43 -15.65 -9.70
C VAL A 66 -9.62 -14.89 -10.75
N TYR A 67 -10.24 -14.52 -11.86
CA TYR A 67 -9.56 -13.83 -12.97
C TYR A 67 -10.26 -12.51 -13.25
N PRO A 68 -10.14 -11.54 -12.35
CA PRO A 68 -10.75 -10.24 -12.60
C PRO A 68 -10.08 -9.55 -13.77
N PRO A 69 -10.78 -8.67 -14.48
CA PRO A 69 -10.16 -7.96 -15.61
C PRO A 69 -9.16 -6.92 -15.13
N ASN A 70 -7.98 -6.93 -15.75
CA ASN A 70 -6.93 -5.98 -15.40
C ASN A 70 -7.06 -4.77 -16.33
N VAL A 71 -7.94 -3.85 -15.94
CA VAL A 71 -8.33 -2.73 -16.81
C VAL A 71 -8.00 -1.42 -16.12
N GLU A 72 -7.76 -0.39 -16.93
CA GLU A 72 -7.47 0.94 -16.43
C GLU A 72 -8.69 1.52 -15.71
N SER A 73 -8.50 2.70 -15.12
CA SER A 73 -9.58 3.33 -14.37
C SER A 73 -10.64 3.89 -15.32
N SER A 74 -10.20 4.58 -16.38
CA SER A 74 -11.13 5.18 -17.32
C SER A 74 -10.93 4.60 -18.72
N PRO A 75 -12.02 4.31 -19.43
CA PRO A 75 -11.86 3.79 -20.80
C PRO A 75 -11.29 4.81 -21.77
N GLU A 76 -11.48 6.10 -21.51
CA GLU A 76 -10.96 7.12 -22.40
C GLU A 76 -9.44 7.02 -22.51
N LEU A 77 -8.92 7.31 -23.70
CA LEU A 77 -7.50 7.26 -23.94
C LEU A 77 -6.93 8.66 -24.11
N PRO A 78 -5.73 8.92 -23.60
CA PRO A 78 -5.11 10.24 -23.83
C PRO A 78 -4.97 10.53 -25.31
N LYS A 79 -4.54 11.76 -25.60
CA LYS A 79 -4.39 12.18 -26.99
C LYS A 79 -3.29 11.39 -27.69
N HIS A 80 -2.07 11.45 -27.16
CA HIS A 80 -0.94 10.79 -27.81
C HIS A 80 -1.15 9.29 -27.91
N ILE A 81 -1.77 8.69 -26.89
CA ILE A 81 -2.02 7.25 -26.92
C ILE A 81 -2.94 6.90 -28.09
N TYR A 82 -4.03 7.66 -28.25
CA TYR A 82 -4.91 7.44 -29.40
C TYR A 82 -4.17 7.67 -30.71
N ASN A 83 -3.29 8.68 -30.75
CA ASN A 83 -2.51 8.93 -31.96
C ASN A 83 -1.64 7.73 -32.33
N LYS A 84 -1.21 6.94 -31.33
CA LYS A 84 -0.46 5.73 -31.62
C LYS A 84 -1.26 4.75 -32.47
N LEU A 85 -2.59 4.92 -32.52
CA LEU A 85 -3.43 4.04 -33.32
C LEU A 85 -3.50 4.54 -34.76
N ASP A 86 -3.51 3.60 -35.70
CA ASP A 86 -3.66 3.92 -37.12
C ASP A 86 -5.14 4.10 -37.41
N LYS A 87 -5.58 5.35 -37.53
CA LYS A 87 -6.98 5.67 -37.77
C LYS A 87 -7.87 5.23 -36.61
N GLY A 88 -7.34 5.29 -35.39
CA GLY A 88 -8.09 4.88 -34.23
C GLY A 88 -8.36 3.39 -34.14
N GLN A 89 -7.59 2.57 -34.83
CA GLN A 89 -7.74 1.12 -34.80
C GLN A 89 -6.46 0.48 -34.31
N ILE A 90 -6.56 -0.80 -33.96
CA ILE A 90 -5.45 -1.56 -33.42
C ILE A 90 -5.36 -2.90 -34.13
N ILE A 91 -4.13 -3.38 -34.29
CA ILE A 91 -3.85 -4.70 -34.84
C ILE A 91 -3.63 -5.66 -33.68
N VAL A 92 -4.25 -6.84 -33.75
CA VAL A 92 -4.20 -7.82 -32.68
C VAL A 92 -4.11 -9.20 -33.28
N VAL A 93 -3.22 -10.02 -32.74
CA VAL A 93 -3.03 -11.40 -33.19
C VAL A 93 -3.74 -12.33 -32.21
N ILE A 94 -4.75 -13.04 -32.70
CA ILE A 94 -5.50 -13.99 -31.88
C ILE A 94 -5.05 -15.40 -32.24
N TRP A 95 -4.69 -16.18 -31.23
CA TRP A 95 -4.12 -17.51 -31.41
C TRP A 95 -5.15 -18.59 -31.08
N VAL A 96 -4.94 -19.77 -31.65
CA VAL A 96 -5.82 -20.92 -31.45
C VAL A 96 -4.98 -22.19 -31.41
N ILE A 97 -5.19 -22.99 -30.38
CA ILE A 97 -4.54 -24.30 -30.24
C ILE A 97 -5.52 -25.35 -30.73
N VAL A 98 -5.06 -26.26 -31.59
CA VAL A 98 -5.96 -27.27 -32.16
C VAL A 98 -5.25 -28.60 -32.31
N SER A 99 -6.04 -29.67 -32.24
CA SER A 99 -5.63 -31.04 -32.53
C SER A 99 -4.87 -31.66 -31.36
N PRO A 100 -4.49 -32.94 -31.46
CA PRO A 100 -3.72 -33.55 -30.36
C PRO A 100 -2.36 -32.93 -30.17
N ASN A 101 -1.71 -32.54 -31.26
CA ASN A 101 -0.41 -31.90 -31.18
C ASN A 101 -0.50 -30.48 -30.65
N ASN A 102 -1.70 -29.96 -30.42
CA ASN A 102 -1.88 -28.60 -29.90
C ASN A 102 -1.17 -27.59 -30.79
N ASP A 103 -1.31 -27.74 -32.10
CA ASP A 103 -0.69 -26.80 -33.02
C ASP A 103 -1.26 -25.41 -32.80
N LYS A 104 -0.37 -24.41 -32.88
CA LYS A 104 -0.71 -23.02 -32.68
C LYS A 104 -0.91 -22.36 -34.04
N GLN A 105 -2.12 -21.84 -34.27
CA GLN A 105 -2.46 -21.14 -35.50
C GLN A 105 -2.83 -19.71 -35.16
N LYS A 106 -2.24 -18.76 -35.88
CA LYS A 106 -2.42 -17.33 -35.60
C LYS A 106 -3.32 -16.71 -36.65
N TYR A 107 -4.20 -15.81 -36.18
CA TYR A 107 -5.09 -15.05 -37.06
C TYR A 107 -4.99 -13.59 -36.66
N THR A 108 -4.47 -12.77 -37.56
CA THR A 108 -4.26 -11.35 -37.30
C THR A 108 -5.49 -10.55 -37.70
N LEU A 109 -5.74 -9.47 -36.95
CA LEU A 109 -6.93 -8.66 -37.13
C LEU A 109 -6.58 -7.20 -36.94
N LYS A 110 -7.44 -6.34 -37.50
CA LYS A 110 -7.36 -4.89 -37.31
C LYS A 110 -8.77 -4.41 -36.97
N ILE A 111 -8.98 -4.03 -35.71
CA ILE A 111 -10.31 -3.71 -35.21
C ILE A 111 -10.25 -2.45 -34.36
N ASN A 112 -11.43 -1.87 -34.13
CA ASN A 112 -11.53 -0.69 -33.28
C ASN A 112 -11.04 -1.00 -31.87
N HIS A 113 -10.25 -0.09 -31.32
CA HIS A 113 -9.72 -0.29 -29.97
C HIS A 113 -10.82 -0.30 -28.91
N ASP A 114 -12.00 0.25 -29.21
CA ASP A 114 -13.12 0.26 -28.29
C ASP A 114 -14.01 -0.95 -28.43
N CYS A 115 -13.58 -1.97 -29.18
CA CYS A 115 -14.39 -3.16 -29.36
C CYS A 115 -14.43 -4.00 -28.09
N VAL A 116 -15.56 -4.65 -27.87
CA VAL A 116 -15.74 -5.56 -26.74
C VAL A 116 -15.05 -6.88 -27.06
N PRO A 117 -14.49 -7.58 -26.07
CA PRO A 117 -13.87 -8.89 -26.35
C PRO A 117 -14.80 -9.82 -27.11
N GLU A 118 -16.11 -9.75 -26.87
CA GLU A 118 -17.03 -10.58 -27.63
C GLU A 118 -16.94 -10.28 -29.12
N GLN A 119 -16.85 -8.99 -29.47
CA GLN A 119 -16.68 -8.62 -30.88
C GLN A 119 -15.35 -9.13 -31.43
N VAL A 120 -14.28 -9.01 -30.64
CA VAL A 120 -12.99 -9.52 -31.07
C VAL A 120 -13.09 -11.01 -31.40
N ILE A 121 -13.77 -11.77 -30.53
CA ILE A 121 -13.97 -13.19 -30.81
C ILE A 121 -14.78 -13.36 -32.09
N ALA A 122 -15.78 -12.51 -32.30
CA ALA A 122 -16.59 -12.56 -33.51
C ALA A 122 -15.72 -12.44 -34.76
N GLU A 123 -15.13 -11.26 -34.96
CA GLU A 123 -14.27 -11.04 -36.12
C GLU A 123 -13.18 -12.09 -36.22
N ALA A 124 -12.70 -12.59 -35.07
CA ALA A 124 -11.65 -13.62 -35.10
C ALA A 124 -12.17 -14.90 -35.74
N ILE A 125 -13.34 -15.36 -35.32
CA ILE A 125 -13.93 -16.55 -35.93
C ILE A 125 -14.23 -16.30 -37.40
N ARG A 126 -14.66 -15.08 -37.72
CA ARG A 126 -14.87 -14.73 -39.12
C ARG A 126 -13.59 -14.94 -39.93
N LYS A 127 -12.48 -14.37 -39.49
CA LYS A 127 -11.21 -14.56 -40.15
C LYS A 127 -10.76 -16.02 -40.14
N LYS A 128 -11.22 -16.80 -39.17
CA LYS A 128 -10.85 -18.22 -39.10
C LYS A 128 -11.62 -19.07 -40.09
N THR A 129 -12.85 -18.67 -40.45
CA THR A 129 -13.69 -19.46 -41.34
C THR A 129 -13.45 -19.17 -42.81
N ARG A 130 -12.91 -18.01 -43.16
CA ARG A 130 -12.80 -17.61 -44.56
C ARG A 130 -11.66 -18.32 -45.28
N SER A 131 -11.37 -19.56 -44.89
CA SER A 131 -10.30 -20.33 -45.53
C SER A 131 -10.80 -21.71 -45.93
N TYR A 146 -21.60 -21.34 -34.10
CA TYR A 146 -20.66 -21.07 -33.02
C TYR A 146 -20.81 -19.64 -32.51
N GLN A 147 -21.55 -19.46 -31.42
CA GLN A 147 -21.74 -18.14 -30.83
C GLN A 147 -20.66 -17.84 -29.80
N GLY A 148 -21.01 -16.98 -28.83
CA GLY A 148 -20.07 -16.55 -27.83
C GLY A 148 -19.81 -17.59 -26.75
N LYS A 149 -19.27 -18.74 -27.13
CA LYS A 149 -18.89 -19.78 -26.19
C LYS A 149 -17.39 -19.79 -25.91
N TYR A 150 -16.72 -18.67 -26.17
CA TYR A 150 -15.28 -18.58 -25.97
C TYR A 150 -14.94 -17.34 -25.15
N ILE A 151 -13.74 -17.37 -24.57
CA ILE A 151 -13.18 -16.25 -23.82
C ILE A 151 -11.75 -16.04 -24.29
N LEU A 152 -11.27 -14.81 -24.10
CA LEU A 152 -9.93 -14.42 -24.52
C LEU A 152 -8.96 -14.51 -23.35
N LYS A 153 -7.73 -14.92 -23.66
CA LYS A 153 -6.66 -15.03 -22.68
C LYS A 153 -5.42 -14.33 -23.22
N VAL A 154 -4.52 -13.96 -22.32
CA VAL A 154 -3.27 -13.34 -22.70
C VAL A 154 -2.24 -14.44 -22.95
N CYS A 155 -1.63 -14.42 -24.14
CA CYS A 155 -0.61 -15.41 -24.48
C CYS A 155 0.58 -15.31 -23.56
N GLY A 156 0.75 -16.29 -22.67
CA GLY A 156 1.92 -16.36 -21.81
C GLY A 156 1.66 -16.21 -20.33
N CYS A 157 0.48 -15.72 -19.92
CA CYS A 157 0.17 -15.57 -18.50
C CYS A 157 -1.30 -15.93 -18.28
N ASP A 158 -1.72 -15.89 -17.03
CA ASP A 158 -3.10 -16.24 -16.66
C ASP A 158 -3.91 -14.95 -16.46
N GLU A 159 -4.14 -14.27 -17.56
CA GLU A 159 -5.07 -13.14 -17.63
C GLU A 159 -6.18 -13.47 -18.62
N TYR A 160 -7.40 -13.06 -18.28
CA TYR A 160 -8.56 -13.34 -19.11
C TYR A 160 -9.41 -12.08 -19.26
N PHE A 161 -9.89 -11.85 -20.48
CA PHE A 161 -10.76 -10.71 -20.79
C PHE A 161 -12.20 -11.18 -20.65
N LEU A 162 -12.65 -11.28 -19.40
CA LEU A 162 -13.94 -11.87 -19.11
C LEU A 162 -15.09 -10.88 -19.14
N GLU A 163 -14.83 -9.59 -18.90
CA GLU A 163 -15.89 -8.60 -18.84
C GLU A 163 -15.97 -7.82 -20.15
N LYS A 164 -17.13 -7.18 -20.37
CA LYS A 164 -17.39 -6.46 -21.60
C LYS A 164 -16.71 -5.10 -21.60
N TYR A 165 -15.46 -5.04 -21.18
CA TYR A 165 -14.71 -3.80 -21.26
C TYR A 165 -14.22 -3.57 -22.70
N PRO A 166 -14.07 -2.31 -23.11
CA PRO A 166 -13.41 -2.03 -24.38
C PRO A 166 -11.95 -2.48 -24.32
N LEU A 167 -11.55 -3.25 -25.33
CA LEU A 167 -10.24 -3.91 -25.29
C LEU A 167 -9.13 -2.95 -24.89
N SER A 168 -9.12 -1.76 -25.48
CA SER A 168 -8.04 -0.81 -25.22
C SER A 168 -7.96 -0.42 -23.75
N GLN A 169 -9.06 -0.55 -23.00
CA GLN A 169 -9.04 -0.17 -21.59
C GLN A 169 -8.34 -1.20 -20.71
N TYR A 170 -8.15 -2.42 -21.20
CA TYR A 170 -7.38 -3.40 -20.46
C TYR A 170 -5.93 -2.95 -20.35
N LYS A 171 -5.37 -3.04 -19.14
CA LYS A 171 -4.00 -2.58 -18.92
C LYS A 171 -3.04 -3.21 -19.91
N TYR A 172 -3.20 -4.50 -20.19
CA TYR A 172 -2.32 -5.17 -21.16
C TYR A 172 -2.43 -4.53 -22.54
N ILE A 173 -3.65 -4.21 -22.97
CA ILE A 173 -3.86 -3.66 -24.31
C ILE A 173 -3.31 -2.24 -24.39
N ARG A 174 -3.70 -1.38 -23.44
CA ARG A 174 -3.19 -0.02 -23.45
C ARG A 174 -1.66 -0.01 -23.40
N SER A 175 -1.07 -0.86 -22.57
CA SER A 175 0.38 -1.01 -22.56
C SER A 175 0.90 -1.38 -23.95
N CYS A 176 0.28 -2.39 -24.57
CA CYS A 176 0.71 -2.78 -25.91
C CYS A 176 0.65 -1.60 -26.88
N ILE A 177 -0.32 -0.72 -26.72
CA ILE A 177 -0.43 0.43 -27.61
C ILE A 177 0.69 1.42 -27.34
N MET A 178 1.02 1.67 -26.07
CA MET A 178 2.05 2.65 -25.77
C MET A 178 3.44 2.16 -26.15
N LEU A 179 3.73 0.88 -25.88
CA LEU A 179 5.06 0.34 -26.14
C LEU A 179 5.32 0.05 -27.60
N GLY A 180 4.29 -0.02 -28.44
CA GLY A 180 4.46 -0.42 -29.81
C GLY A 180 4.51 -1.92 -30.02
N ARG A 181 4.25 -2.71 -28.98
CA ARG A 181 4.20 -4.17 -29.10
C ARG A 181 2.80 -4.59 -29.54
N MET A 182 2.75 -5.72 -30.26
CA MET A 182 1.47 -6.18 -30.77
C MET A 182 0.87 -7.22 -29.83
N PRO A 183 -0.38 -7.04 -29.42
CA PRO A 183 -0.98 -8.00 -28.47
C PRO A 183 -1.16 -9.37 -29.11
N ASN A 184 -0.83 -10.40 -28.35
CA ASN A 184 -1.04 -11.79 -28.73
C ASN A 184 -2.02 -12.41 -27.76
N LEU A 185 -3.21 -12.72 -28.23
CA LEU A 185 -4.26 -13.31 -27.41
C LEU A 185 -4.53 -14.75 -27.84
N MET A 186 -5.05 -15.53 -26.91
CA MET A 186 -5.39 -16.93 -27.13
C MET A 186 -6.88 -17.12 -26.95
N LEU A 187 -7.50 -17.77 -27.94
CA LEU A 187 -8.92 -18.10 -27.85
C LEU A 187 -9.09 -19.39 -27.08
N MET A 188 -9.84 -19.34 -25.98
CA MET A 188 -10.03 -20.50 -25.12
C MET A 188 -11.52 -20.75 -24.93
N ALA A 189 -11.89 -22.02 -24.81
CA ALA A 189 -13.29 -22.36 -24.61
C ALA A 189 -13.72 -22.02 -23.18
N LYS A 190 -14.91 -21.42 -23.06
CA LYS A 190 -15.43 -21.07 -21.75
C LYS A 190 -15.48 -22.27 -20.82
N GLU A 191 -15.84 -23.44 -21.37
CA GLU A 191 -15.93 -24.64 -20.56
C GLU A 191 -14.56 -25.22 -20.22
N SER A 192 -13.54 -24.93 -21.01
CA SER A 192 -12.20 -25.37 -20.67
C SER A 192 -11.66 -24.62 -19.45
N LEU A 193 -12.04 -23.35 -19.29
CA LEU A 193 -11.65 -22.59 -18.12
C LEU A 193 -12.56 -22.88 -16.93
N TYR A 194 -13.87 -22.94 -17.16
CA TYR A 194 -14.81 -23.27 -16.09
C TYR A 194 -14.49 -24.64 -15.50
N SER A 195 -14.11 -25.60 -16.36
CA SER A 195 -13.67 -26.89 -15.86
C SER A 195 -12.46 -26.77 -14.95
N GLN A 196 -11.72 -25.67 -15.05
CA GLN A 196 -10.55 -25.42 -14.20
C GLN A 196 -10.91 -24.72 -12.89
N LEU A 197 -12.15 -24.25 -12.74
CA LEU A 197 -12.56 -23.57 -11.52
C LEU A 197 -13.09 -24.61 -10.52
N PRO A 198 -12.49 -24.73 -9.34
CA PRO A 198 -12.97 -25.72 -8.37
C PRO A 198 -14.28 -25.29 -7.72
N MET A 199 -15.05 -26.29 -7.30
CA MET A 199 -16.31 -26.05 -6.59
C MET A 199 -15.99 -25.79 -5.13
N ASP A 200 -15.86 -24.51 -4.79
CA ASP A 200 -15.54 -24.12 -3.42
C ASP A 200 -16.76 -24.27 -2.52
N CYS A 201 -16.51 -24.30 -1.21
CA CYS A 201 -17.57 -24.40 -0.21
C CYS A 201 -17.07 -23.76 1.06
N PHE A 202 -17.70 -22.65 1.45
CA PHE A 202 -17.33 -21.93 2.67
C PHE A 202 -18.10 -22.54 3.84
N THR A 203 -17.39 -23.26 4.70
CA THR A 203 -17.99 -23.87 5.88
C THR A 203 -17.83 -22.92 7.06
N MET A 204 -18.94 -22.57 7.71
CA MET A 204 -18.87 -21.72 8.88
C MET A 204 -18.01 -22.38 9.95
N PRO A 205 -17.19 -21.61 10.66
CA PRO A 205 -16.30 -22.21 11.66
C PRO A 205 -17.07 -22.68 12.88
N SER A 206 -16.44 -23.58 13.63
CA SER A 206 -17.05 -24.12 14.85
C SER A 206 -17.01 -23.15 16.02
N TYR A 207 -16.48 -21.93 15.83
CA TYR A 207 -16.44 -20.94 16.90
C TYR A 207 -17.49 -19.85 16.72
N SER A 208 -18.56 -20.14 15.98
CA SER A 208 -19.67 -19.20 15.82
C SER A 208 -20.95 -19.67 16.51
N ARG A 209 -21.13 -20.97 16.67
CA ARG A 209 -22.33 -21.49 17.34
C ARG A 209 -21.97 -22.63 18.29
N LYS A 225 -27.34 1.37 32.58
CA LYS A 225 -26.36 1.85 31.61
C LYS A 225 -26.54 3.34 31.34
N SER A 226 -25.96 4.16 32.22
CA SER A 226 -26.07 5.60 32.07
C SER A 226 -25.24 6.08 30.87
N LEU A 227 -25.46 7.34 30.49
CA LEU A 227 -24.79 7.90 29.31
C LEU A 227 -24.32 9.33 29.57
N TRP A 228 -25.03 10.30 28.99
CA TRP A 228 -24.66 11.70 29.10
C TRP A 228 -24.86 12.27 30.50
N VAL A 229 -25.45 11.51 31.42
CA VAL A 229 -25.79 12.06 32.73
C VAL A 229 -24.54 12.34 33.55
N ILE A 230 -23.55 11.44 33.47
CA ILE A 230 -22.33 11.56 34.28
C ILE A 230 -21.71 12.94 34.11
N ASN A 231 -21.67 13.71 35.19
CA ASN A 231 -20.98 15.00 35.21
C ASN A 231 -19.84 14.89 36.21
N SER A 232 -18.64 15.32 35.79
CA SER A 232 -17.46 15.25 36.64
C SER A 232 -16.20 15.54 35.84
N ALA A 233 -15.04 15.27 36.44
CA ALA A 233 -13.75 15.46 35.79
C ALA A 233 -13.00 14.14 35.76
N LEU A 234 -12.17 13.98 34.73
CA LEU A 234 -11.43 12.74 34.57
C LEU A 234 -10.27 12.68 35.56
N ARG A 235 -10.22 11.57 36.31
CA ARG A 235 -9.12 11.32 37.24
C ARG A 235 -8.83 9.83 37.24
N ILE A 236 -7.56 9.47 37.09
CA ILE A 236 -7.13 8.09 37.07
C ILE A 236 -6.10 7.87 38.16
N LYS A 237 -6.13 6.70 38.78
CA LYS A 237 -5.21 6.35 39.85
C LYS A 237 -4.20 5.32 39.34
N ILE A 238 -2.92 5.60 39.48
CA ILE A 238 -1.90 4.61 39.19
C ILE A 238 -1.55 3.88 40.49
N LEU A 239 -1.63 2.55 40.46
CA LEU A 239 -1.51 1.75 41.67
C LEU A 239 -0.06 1.34 41.91
N CYS A 240 0.41 0.36 41.13
CA CYS A 240 1.76 -0.16 41.32
C CYS A 240 2.26 -0.74 40.01
N ALA A 241 3.59 -0.84 39.91
CA ALA A 241 4.25 -1.38 38.73
C ALA A 241 4.96 -2.69 39.09
N THR A 242 5.12 -3.55 38.09
CA THR A 242 5.81 -4.81 38.26
C THR A 242 6.74 -5.02 37.06
N TYR A 243 7.81 -5.77 37.29
CA TYR A 243 8.81 -6.06 36.25
C TYR A 243 9.62 -4.81 35.92
N VAL A 244 10.15 -4.16 36.96
CA VAL A 244 10.90 -2.93 36.81
C VAL A 244 12.16 -3.00 37.66
N ASN A 245 13.12 -3.81 37.25
CA ASN A 245 14.36 -3.96 38.01
C ASN A 245 15.58 -3.79 37.11
N ILE A 254 12.39 7.51 38.85
CA ILE A 254 11.48 7.40 37.71
C ILE A 254 10.06 7.75 38.11
N TYR A 255 9.30 8.30 37.17
CA TYR A 255 7.91 8.67 37.39
C TYR A 255 7.08 8.14 36.23
N VAL A 256 5.77 8.36 36.30
CA VAL A 256 4.83 7.93 35.27
C VAL A 256 4.22 9.19 34.65
N ARG A 257 4.55 9.44 33.39
CA ARG A 257 3.96 10.54 32.64
C ARG A 257 2.73 10.02 31.89
N THR A 258 1.63 10.75 31.99
CA THR A 258 0.37 10.34 31.39
C THR A 258 -0.26 11.52 30.67
N GLY A 259 -1.28 11.23 29.87
CA GLY A 259 -1.99 12.26 29.13
C GLY A 259 -3.20 11.72 28.40
N ILE A 260 -4.18 12.58 28.16
CA ILE A 260 -5.40 12.21 27.45
C ILE A 260 -5.32 12.82 26.06
N TYR A 261 -5.38 11.98 25.04
CA TYR A 261 -5.18 12.40 23.66
C TYR A 261 -6.38 12.03 22.80
N HIS A 262 -6.61 12.82 21.76
CA HIS A 262 -7.55 12.52 20.68
C HIS A 262 -6.70 12.37 19.42
N GLY A 263 -6.27 11.14 19.14
CA GLY A 263 -5.36 10.90 18.05
C GLY A 263 -3.99 11.48 18.33
N GLY A 264 -3.57 12.47 17.55
CA GLY A 264 -2.29 13.11 17.73
C GLY A 264 -2.29 14.35 18.58
N GLU A 265 -3.45 14.75 19.13
CA GLU A 265 -3.54 15.95 19.93
C GLU A 265 -4.01 15.62 21.35
N PRO A 266 -3.40 16.22 22.36
CA PRO A 266 -3.82 15.96 23.75
C PRO A 266 -5.05 16.79 24.10
N LEU A 267 -6.12 16.11 24.53
CA LEU A 267 -7.34 16.81 24.91
C LEU A 267 -7.16 17.72 26.12
N CYS A 268 -6.03 17.63 26.81
CA CYS A 268 -5.74 18.49 27.95
C CYS A 268 -4.22 18.48 28.18
N ASP A 269 -3.81 19.00 29.32
CA ASP A 269 -2.40 19.04 29.68
C ASP A 269 -1.96 17.73 30.33
N ASN A 270 -0.75 17.30 30.01
CA ASN A 270 -0.22 16.08 30.60
C ASN A 270 0.08 16.29 32.08
N VAL A 271 -0.05 15.21 32.85
CA VAL A 271 0.17 15.25 34.30
C VAL A 271 1.17 14.16 34.66
N ASN A 272 2.21 14.53 35.40
CA ASN A 272 3.21 13.61 35.88
C ASN A 272 2.87 13.16 37.30
N THR A 273 3.02 11.87 37.56
CA THR A 273 2.81 11.34 38.90
C THR A 273 4.04 11.64 39.77
N GLN A 274 3.87 11.46 41.08
CA GLN A 274 4.95 11.72 42.01
C GLN A 274 6.14 10.82 41.73
N ARG A 275 7.33 11.41 41.64
CA ARG A 275 8.53 10.61 41.45
C ARG A 275 8.71 9.64 42.60
N VAL A 276 9.14 8.42 42.28
CA VAL A 276 9.22 7.35 43.27
C VAL A 276 10.50 6.56 43.07
N PRO A 277 11.00 5.95 44.14
CA PRO A 277 12.21 5.14 44.03
C PRO A 277 11.98 3.93 43.12
N CYS A 278 13.00 3.59 42.33
CA CYS A 278 12.87 2.50 41.38
C CYS A 278 12.72 1.15 42.06
N SER A 279 13.32 0.98 43.25
CA SER A 279 13.25 -0.30 43.94
C SER A 279 11.81 -0.74 44.17
N ASN A 280 11.01 0.12 44.78
CA ASN A 280 9.61 -0.18 45.07
C ASN A 280 8.71 0.63 44.14
N PRO A 281 8.22 0.04 43.05
CA PRO A 281 7.34 0.79 42.14
C PRO A 281 5.93 0.89 42.67
N ARG A 282 5.66 1.88 43.52
CA ARG A 282 4.35 2.05 44.15
C ARG A 282 4.02 3.53 44.22
N TRP A 283 3.20 4.00 43.30
CA TRP A 283 2.67 5.36 43.34
C TRP A 283 1.38 5.42 44.13
N ASN A 284 0.37 4.66 43.69
CA ASN A 284 -0.96 4.71 44.28
C ASN A 284 -1.55 6.11 44.21
N GLU A 285 -1.11 6.90 43.23
CA GLU A 285 -1.47 8.30 43.18
C GLU A 285 -2.73 8.52 42.34
N TRP A 286 -3.37 9.65 42.59
CA TRP A 286 -4.59 10.05 41.87
C TRP A 286 -4.27 11.29 41.05
N LEU A 287 -4.31 11.16 39.73
CA LEU A 287 -4.11 12.26 38.82
C LEU A 287 -5.46 12.76 38.31
N ASN A 288 -5.59 14.08 38.22
CA ASN A 288 -6.82 14.71 37.73
C ASN A 288 -6.51 15.48 36.46
N TYR A 289 -7.49 15.52 35.55
CA TYR A 289 -7.31 16.14 34.25
C TYR A 289 -8.34 17.23 34.04
N ASP A 290 -7.97 18.24 33.25
CA ASP A 290 -8.83 19.38 32.95
C ASP A 290 -9.77 19.04 31.80
N ILE A 291 -10.54 17.95 32.00
CA ILE A 291 -11.50 17.49 30.99
C ILE A 291 -12.71 16.91 31.69
N TYR A 292 -13.88 17.51 31.47
CA TYR A 292 -15.11 16.94 32.00
C TYR A 292 -15.40 15.61 31.33
N ILE A 293 -15.92 14.67 32.12
CA ILE A 293 -16.15 13.32 31.59
C ILE A 293 -17.02 13.34 30.34
N PRO A 294 -18.19 13.99 30.33
CA PRO A 294 -19.00 14.01 29.10
C PRO A 294 -18.28 14.64 27.92
N ASP A 295 -17.29 15.50 28.16
CA ASP A 295 -16.56 16.18 27.10
C ASP A 295 -15.49 15.31 26.46
N LEU A 296 -15.44 14.03 26.81
CA LEU A 296 -14.45 13.13 26.21
C LEU A 296 -14.92 12.69 24.84
N PRO A 297 -14.14 12.91 23.78
CA PRO A 297 -14.54 12.43 22.45
C PRO A 297 -14.57 10.92 22.40
N ARG A 298 -15.25 10.40 21.37
CA ARG A 298 -15.44 8.96 21.26
C ARG A 298 -14.11 8.22 21.17
N ALA A 299 -13.12 8.81 20.50
CA ALA A 299 -11.83 8.18 20.29
C ALA A 299 -10.78 8.61 21.31
N ALA A 300 -11.22 9.14 22.46
CA ALA A 300 -10.26 9.56 23.48
C ALA A 300 -9.47 8.37 23.99
N ARG A 301 -8.16 8.56 24.15
CA ARG A 301 -7.27 7.50 24.58
C ARG A 301 -6.38 8.00 25.71
N LEU A 302 -6.02 7.08 26.61
CA LEU A 302 -5.06 7.35 27.68
C LEU A 302 -3.69 6.88 27.21
N CYS A 303 -2.73 7.79 27.21
CA CYS A 303 -1.35 7.50 26.82
C CYS A 303 -0.46 7.65 28.03
N LEU A 304 0.22 6.57 28.42
CA LEU A 304 1.05 6.54 29.61
C LEU A 304 2.42 5.98 29.27
N SER A 305 3.41 6.38 30.07
CA SER A 305 4.76 5.86 29.96
C SER A 305 5.45 6.05 31.30
N ILE A 306 6.67 5.53 31.39
CA ILE A 306 7.47 5.59 32.61
C ILE A 306 8.81 6.23 32.25
N CYS A 307 9.05 7.43 32.78
CA CYS A 307 10.26 8.18 32.49
C CYS A 307 11.24 8.06 33.66
N SER A 308 12.49 8.45 33.39
CA SER A 308 13.59 8.27 34.33
C SER A 308 14.28 9.60 34.61
N VAL A 309 15.07 9.61 35.68
CA VAL A 309 15.68 10.81 36.21
C VAL A 309 17.12 10.50 36.59
N LYS A 310 18.06 11.30 36.09
CA LYS A 310 19.47 11.16 36.45
C LYS A 310 19.68 11.56 37.90
N GLU A 317 16.43 16.57 35.32
CA GLU A 317 17.62 16.84 34.52
C GLU A 317 17.51 16.22 33.13
N GLU A 318 17.92 14.96 33.02
CA GLU A 318 17.89 14.22 31.76
C GLU A 318 16.79 13.17 31.84
N HIS A 319 15.65 13.48 31.23
CA HIS A 319 14.51 12.57 31.21
C HIS A 319 14.59 11.65 30.00
N CYS A 320 14.18 10.39 30.20
CA CYS A 320 14.19 9.41 29.13
C CYS A 320 13.08 8.39 29.39
N PRO A 321 12.18 8.16 28.43
CA PRO A 321 11.15 7.15 28.62
C PRO A 321 11.74 5.76 28.77
N LEU A 322 10.93 4.84 29.27
CA LEU A 322 11.37 3.47 29.51
C LEU A 322 10.41 2.46 28.90
N ALA A 323 9.13 2.57 29.23
CA ALA A 323 8.09 1.70 28.70
C ALA A 323 6.82 2.50 28.47
N TRP A 324 6.19 2.27 27.33
CA TRP A 324 5.02 3.04 26.92
C TRP A 324 3.82 2.12 26.77
N GLY A 325 2.65 2.74 26.66
CA GLY A 325 1.40 2.02 26.49
C GLY A 325 0.21 2.94 26.28
N ASN A 326 -0.80 2.46 25.57
CA ASN A 326 -2.00 3.26 25.28
C ASN A 326 -3.24 2.43 25.57
N ILE A 327 -4.29 3.11 26.01
CA ILE A 327 -5.55 2.46 26.40
C ILE A 327 -6.71 3.24 25.80
N ASN A 328 -7.68 2.51 25.28
CA ASN A 328 -8.93 3.12 24.80
C ASN A 328 -9.82 3.39 25.99
N LEU A 329 -10.08 4.68 26.27
CA LEU A 329 -11.00 5.01 27.35
C LEU A 329 -12.36 4.35 27.15
N PHE A 330 -12.79 4.19 25.90
CA PHE A 330 -14.00 3.46 25.55
C PHE A 330 -13.62 2.16 24.85
N ASP A 331 -14.31 1.09 25.18
CA ASP A 331 -14.05 -0.22 24.58
C ASP A 331 -14.84 -0.35 23.29
N TYR A 332 -14.88 -1.56 22.73
CA TYR A 332 -15.53 -1.78 21.44
C TYR A 332 -17.04 -1.88 21.54
N THR A 333 -17.59 -2.03 22.74
CA THR A 333 -19.03 -2.01 22.96
C THR A 333 -19.54 -0.64 23.40
N ASP A 334 -18.75 0.41 23.18
CA ASP A 334 -19.07 1.78 23.53
C ASP A 334 -19.07 2.02 25.03
N THR A 335 -18.66 1.04 25.83
CA THR A 335 -18.60 1.21 27.27
C THR A 335 -17.40 2.07 27.65
N LEU A 336 -17.48 2.68 28.83
CA LEU A 336 -16.40 3.49 29.38
C LEU A 336 -15.60 2.68 30.39
N VAL A 337 -14.28 2.78 30.29
CA VAL A 337 -13.41 2.03 31.19
C VAL A 337 -13.73 2.39 32.64
N SER A 338 -13.55 1.42 33.53
CA SER A 338 -13.78 1.63 34.95
C SER A 338 -13.14 0.49 35.72
N GLY A 339 -12.67 0.80 36.93
CA GLY A 339 -12.05 -0.19 37.78
C GLY A 339 -10.59 -0.40 37.46
N LYS A 340 -10.05 -1.47 38.03
CA LYS A 340 -8.64 -1.81 37.86
C LYS A 340 -8.38 -2.39 36.48
N MET A 341 -7.18 -2.17 35.97
CA MET A 341 -6.78 -2.69 34.67
C MET A 341 -5.28 -2.92 34.66
N ALA A 342 -4.86 -4.05 34.10
CA ALA A 342 -3.46 -4.42 34.03
C ALA A 342 -2.99 -4.28 32.59
N LEU A 343 -2.04 -3.35 32.37
CA LEU A 343 -1.56 -3.03 31.03
C LEU A 343 -0.07 -3.33 30.94
N ASN A 344 0.30 -4.27 30.08
CA ASN A 344 1.70 -4.59 29.85
C ASN A 344 2.28 -3.63 28.82
N LEU A 345 3.37 -2.97 29.18
CA LEU A 345 3.93 -1.90 28.36
C LEU A 345 4.83 -2.46 27.27
N TRP A 346 5.23 -1.58 26.35
CA TRP A 346 6.06 -1.91 25.21
C TRP A 346 7.38 -1.16 25.28
N PRO A 347 8.46 -1.74 24.75
CA PRO A 347 9.70 -0.98 24.61
C PRO A 347 9.55 0.15 23.60
N VAL A 348 10.45 1.12 23.70
CA VAL A 348 10.35 2.36 22.93
C VAL A 348 10.88 2.14 21.51
N PRO A 349 10.25 2.72 20.50
CA PRO A 349 10.80 2.64 19.14
C PRO A 349 11.97 3.58 18.95
N HIS A 350 12.74 3.32 17.91
CA HIS A 350 13.92 4.13 17.62
C HIS A 350 13.53 5.47 17.03
N GLY A 351 14.19 6.53 17.49
CA GLY A 351 13.91 7.86 17.00
C GLY A 351 12.66 8.47 17.60
N LEU A 352 12.61 8.53 18.93
CA LEU A 352 11.45 9.08 19.65
C LEU A 352 11.78 10.48 20.13
N GLU A 353 10.85 11.41 19.90
CA GLU A 353 11.08 12.82 20.22
C GLU A 353 10.70 13.16 21.64
N ASP A 354 9.52 12.76 22.09
CA ASP A 354 8.96 13.13 23.38
C ASP A 354 9.01 11.94 24.33
N LEU A 355 8.53 12.17 25.56
CA LEU A 355 8.38 11.13 26.56
C LEU A 355 7.05 10.40 26.44
N LEU A 356 6.45 10.39 25.26
CA LEU A 356 5.16 9.74 25.04
C LEU A 356 5.07 9.31 23.59
N ASN A 357 4.47 8.14 23.35
CA ASN A 357 4.30 7.58 22.02
C ASN A 357 2.81 7.35 21.76
N PRO A 358 2.04 8.43 21.63
CA PRO A 358 0.60 8.25 21.39
C PRO A 358 0.29 7.60 20.05
N ILE A 359 1.11 7.86 19.02
CA ILE A 359 0.90 7.23 17.71
C ILE A 359 1.15 5.74 17.73
N GLY A 360 1.63 5.19 18.84
CA GLY A 360 1.87 3.76 18.92
C GLY A 360 0.57 2.97 19.03
N VAL A 361 0.67 1.69 18.70
CA VAL A 361 -0.51 0.83 18.75
C VAL A 361 -1.10 0.82 20.16
N THR A 362 -2.35 0.38 20.26
CA THR A 362 -3.08 0.34 21.51
C THR A 362 -3.32 -1.10 21.94
N GLY A 363 -3.40 -1.30 23.25
CA GLY A 363 -3.63 -2.61 23.83
C GLY A 363 -2.51 -3.01 24.78
N SER A 364 -2.75 -4.13 25.46
CA SER A 364 -1.78 -4.67 26.40
C SER A 364 -0.81 -5.59 25.67
N ASN A 365 0.47 -5.48 26.03
CA ASN A 365 1.51 -6.24 25.36
C ASN A 365 1.19 -7.74 25.43
N PRO A 366 1.34 -8.48 24.33
CA PRO A 366 1.16 -9.94 24.41
C PRO A 366 2.14 -10.60 25.36
N ASN A 367 3.43 -10.26 25.25
CA ASN A 367 4.45 -10.79 26.15
C ASN A 367 4.23 -10.28 27.57
N LYS A 368 3.50 -11.04 28.37
CA LYS A 368 3.13 -10.58 29.70
C LYS A 368 4.34 -10.44 30.62
N GLU A 369 5.49 -11.01 30.25
CA GLU A 369 6.71 -10.90 31.04
C GLU A 369 7.43 -9.59 30.73
N THR A 370 6.68 -8.50 30.88
CA THR A 370 7.17 -7.15 30.60
C THR A 370 6.63 -6.19 31.66
N PRO A 371 7.09 -4.94 31.66
CA PRO A 371 6.59 -3.99 32.67
C PRO A 371 5.07 -3.88 32.61
N CYS A 372 4.42 -4.23 33.72
CA CYS A 372 2.97 -4.26 33.80
C CYS A 372 2.51 -3.21 34.80
N LEU A 373 1.68 -2.28 34.34
CA LEU A 373 1.18 -1.19 35.16
C LEU A 373 -0.28 -1.45 35.52
N GLU A 374 -0.63 -1.17 36.77
CA GLU A 374 -1.99 -1.36 37.28
C GLU A 374 -2.65 -0.01 37.45
N LEU A 375 -3.80 0.16 36.79
CA LEU A 375 -4.53 1.41 36.80
C LEU A 375 -5.90 1.24 37.45
N GLU A 376 -6.47 2.36 37.86
CA GLU A 376 -7.77 2.40 38.55
C GLU A 376 -8.58 3.54 37.97
N PHE A 377 -9.67 3.19 37.28
CA PHE A 377 -10.60 4.15 36.73
C PHE A 377 -11.82 4.27 37.64
N ASP A 378 -12.42 5.46 37.65
CA ASP A 378 -13.63 5.67 38.43
C ASP A 378 -14.74 4.75 37.94
N TRP A 379 -15.54 4.26 38.89
CA TRP A 379 -16.74 3.49 38.58
C TRP A 379 -17.94 4.22 39.18
N PHE A 380 -18.97 4.42 38.36
CA PHE A 380 -20.11 5.23 38.73
C PHE A 380 -21.34 4.33 38.94
N SER A 381 -22.52 4.96 38.97
CA SER A 381 -23.74 4.25 39.33
C SER A 381 -23.93 2.99 38.48
N SER A 382 -23.88 3.14 37.16
CA SER A 382 -24.11 2.04 36.24
C SER A 382 -23.02 2.00 35.19
N VAL A 383 -23.06 0.98 34.35
CA VAL A 383 -22.12 0.85 33.24
C VAL A 383 -22.39 1.99 32.26
N VAL A 384 -21.45 2.93 32.17
CA VAL A 384 -21.62 4.11 31.33
C VAL A 384 -21.28 3.75 29.89
N LYS A 385 -22.14 4.17 28.97
CA LYS A 385 -21.91 4.00 27.54
C LYS A 385 -21.81 5.37 26.88
N PHE A 386 -21.25 5.37 25.66
CA PHE A 386 -21.23 6.60 24.89
C PHE A 386 -22.60 6.83 24.26
N PRO A 387 -23.14 8.04 24.31
CA PRO A 387 -24.52 8.26 23.89
C PRO A 387 -24.77 7.80 22.46
N ASP A 388 -26.03 7.48 22.18
CA ASP A 388 -26.43 7.11 20.84
C ASP A 388 -26.45 8.35 19.94
N MET A 389 -26.19 8.13 18.65
CA MET A 389 -26.22 9.23 17.69
C MET A 389 -27.48 10.07 17.84
N SER A 390 -28.58 9.45 18.27
CA SER A 390 -29.83 10.18 18.48
C SER A 390 -29.65 11.27 19.54
N VAL A 391 -29.25 10.88 20.74
CA VAL A 391 -29.00 11.86 21.80
C VAL A 391 -27.98 12.89 21.33
N ILE A 392 -27.01 12.47 20.52
CA ILE A 392 -26.06 13.41 19.95
C ILE A 392 -26.79 14.44 19.07
N GLU A 393 -27.87 14.02 18.42
CA GLU A 393 -28.65 14.95 17.60
C GLU A 393 -29.54 15.85 18.44
N GLU A 394 -30.07 15.34 19.56
CA GLU A 394 -30.88 16.18 20.44
C GLU A 394 -30.02 17.25 21.09
N HIS A 395 -28.84 16.88 21.60
CA HIS A 395 -27.94 17.87 22.16
C HIS A 395 -27.34 18.77 21.07
N ALA A 396 -27.17 18.24 19.86
CA ALA A 396 -26.67 19.05 18.77
C ALA A 396 -27.67 20.15 18.41
N ASN A 397 -28.94 19.79 18.26
CA ASN A 397 -29.97 20.79 17.99
C ASN A 397 -30.14 21.73 19.17
N TRP A 398 -30.04 21.21 20.39
CA TRP A 398 -30.11 22.07 21.58
C TRP A 398 -28.93 23.03 21.62
N SER A 399 -27.72 22.50 21.48
CA SER A 399 -26.52 23.31 21.50
C SER A 399 -26.49 24.30 20.33
N LEU A 423 -19.76 36.01 6.24
CA LEU A 423 -20.64 35.73 5.12
C LEU A 423 -20.54 36.81 4.05
N ARG A 424 -19.32 37.04 3.56
CA ARG A 424 -19.06 38.03 2.54
C ARG A 424 -18.18 37.44 1.45
N GLU A 425 -18.16 38.10 0.29
CA GLU A 425 -17.37 37.60 -0.83
C GLU A 425 -15.89 37.50 -0.46
N ASN A 426 -15.40 38.43 0.36
CA ASN A 426 -14.01 38.39 0.77
C ASN A 426 -13.69 37.08 1.49
N ASP A 427 -14.32 36.86 2.64
CA ASP A 427 -14.10 35.61 3.35
C ASP A 427 -14.64 34.42 2.57
N LYS A 428 -15.66 34.63 1.73
CA LYS A 428 -16.14 33.55 0.89
C LYS A 428 -15.05 33.04 -0.04
N GLU A 429 -14.14 33.92 -0.47
CA GLU A 429 -12.97 33.47 -1.22
C GLU A 429 -11.85 33.01 -0.29
N GLN A 430 -11.77 33.60 0.91
CA GLN A 430 -10.74 33.18 1.87
C GLN A 430 -10.89 31.70 2.20
N LEU A 431 -12.12 31.22 2.39
CA LEU A 431 -12.33 29.81 2.69
C LEU A 431 -11.81 28.93 1.56
N LYS A 432 -12.15 29.28 0.32
CA LYS A 432 -11.65 28.53 -0.83
C LYS A 432 -10.12 28.49 -0.83
N ALA A 433 -9.49 29.66 -0.68
CA ALA A 433 -8.04 29.70 -0.62
C ALA A 433 -7.50 28.79 0.48
N ILE A 434 -8.21 28.71 1.60
CA ILE A 434 -7.78 27.83 2.69
C ILE A 434 -7.84 26.38 2.24
N SER A 435 -9.01 25.95 1.72
CA SER A 435 -9.16 24.56 1.28
C SER A 435 -8.13 24.20 0.23
N THR A 436 -7.67 25.18 -0.56
CA THR A 436 -6.69 24.90 -1.61
C THR A 436 -5.33 24.53 -1.03
N ARG A 437 -5.03 24.92 0.20
CA ARG A 437 -3.72 24.64 0.78
C ARG A 437 -3.50 23.14 0.94
N ASP A 438 -2.23 22.75 0.98
CA ASP A 438 -1.86 21.36 1.14
C ASP A 438 -2.02 20.93 2.59
N PRO A 439 -1.97 19.62 2.85
CA PRO A 439 -2.15 19.16 4.23
C PRO A 439 -1.02 19.54 5.16
N LEU A 440 0.23 19.56 4.66
CA LEU A 440 1.36 19.85 5.53
C LEU A 440 1.27 21.22 6.17
N SER A 441 0.71 22.20 5.46
CA SER A 441 0.60 23.54 6.00
C SER A 441 -0.18 23.54 7.31
N GLU A 442 0.25 24.39 8.23
CA GLU A 442 -0.40 24.50 9.53
C GLU A 442 -1.54 25.51 9.46
N ILE A 443 -2.53 25.31 10.32
CA ILE A 443 -3.69 26.18 10.42
C ILE A 443 -3.62 26.91 11.76
N THR A 444 -3.75 28.24 11.70
CA THR A 444 -3.63 29.05 12.90
C THR A 444 -4.95 29.05 13.69
N GLU A 445 -4.83 29.42 14.98
CA GLU A 445 -6.01 29.45 15.83
C GLU A 445 -7.08 30.38 15.26
N GLN A 446 -6.68 31.55 14.77
CA GLN A 446 -7.65 32.45 14.16
C GLN A 446 -8.32 31.79 12.96
N GLU A 447 -7.55 31.00 12.19
CA GLU A 447 -8.14 30.30 11.05
C GLU A 447 -9.01 29.14 11.49
N LYS A 448 -8.70 28.51 12.62
CA LYS A 448 -9.55 27.45 13.15
C LYS A 448 -10.89 28.00 13.60
N ASP A 449 -10.87 28.99 14.50
CA ASP A 449 -12.12 29.64 14.89
C ASP A 449 -12.85 30.21 13.68
N PHE A 450 -12.11 30.67 12.68
CA PHE A 450 -12.73 31.19 11.46
C PHE A 450 -13.50 30.10 10.73
N LEU A 451 -12.85 28.97 10.44
CA LEU A 451 -13.53 27.87 9.77
C LEU A 451 -14.71 27.37 10.59
N TRP A 452 -14.56 27.34 11.92
CA TRP A 452 -15.63 26.83 12.78
C TRP A 452 -16.85 27.75 12.73
N SER A 453 -16.64 29.06 12.90
CA SER A 453 -17.75 30.00 12.76
C SER A 453 -18.38 29.92 11.38
N HIS A 454 -17.64 29.43 10.38
CA HIS A 454 -18.15 29.24 9.03
C HIS A 454 -18.33 27.76 8.70
N ARG A 455 -18.66 26.95 9.70
CA ARG A 455 -18.73 25.50 9.50
C ARG A 455 -19.85 25.11 8.54
N HIS A 456 -20.91 25.92 8.46
CA HIS A 456 -22.04 25.55 7.62
C HIS A 456 -21.78 25.88 6.15
N TYR A 457 -21.10 26.99 5.87
CA TYR A 457 -20.82 27.33 4.48
C TYR A 457 -19.77 26.40 3.88
N CYS A 458 -18.93 25.79 4.72
CA CYS A 458 -17.83 24.96 4.26
C CYS A 458 -18.35 23.67 3.64
N VAL A 459 -19.67 23.50 3.66
CA VAL A 459 -20.25 22.31 3.05
C VAL A 459 -20.37 22.43 1.53
N THR A 460 -20.39 23.65 1.00
CA THR A 460 -20.43 23.84 -0.44
C THR A 460 -19.08 23.55 -1.09
N ILE A 461 -18.00 23.62 -0.33
CA ILE A 461 -16.66 23.30 -0.83
C ILE A 461 -16.15 22.09 -0.04
N PRO A 462 -16.61 20.87 -0.36
CA PRO A 462 -16.33 19.73 0.52
C PRO A 462 -14.86 19.43 0.71
N GLU A 463 -13.99 19.80 -0.24
CA GLU A 463 -12.58 19.43 -0.11
C GLU A 463 -11.91 20.11 1.07
N ILE A 464 -12.58 21.06 1.74
CA ILE A 464 -12.03 21.68 2.94
C ILE A 464 -12.35 20.91 4.20
N LEU A 465 -13.09 19.82 4.10
CA LEU A 465 -13.49 19.06 5.29
C LEU A 465 -12.33 18.66 6.18
N PRO A 466 -11.19 18.17 5.66
CA PRO A 466 -10.08 17.79 6.56
C PRO A 466 -9.69 18.94 7.45
N LYS A 467 -9.34 20.08 6.85
CA LYS A 467 -8.95 21.25 7.63
C LYS A 467 -10.05 21.66 8.61
N LEU A 468 -11.30 21.64 8.15
CA LEU A 468 -12.42 21.90 9.05
C LEU A 468 -12.37 20.95 10.25
N LEU A 469 -12.16 19.66 9.99
CA LEU A 469 -12.02 18.70 11.08
C LEU A 469 -10.93 19.14 12.06
N LEU A 470 -9.83 19.68 11.54
CA LEU A 470 -8.71 20.06 12.39
C LEU A 470 -9.00 21.30 13.22
N SER A 471 -10.11 21.99 12.97
CA SER A 471 -10.45 23.20 13.72
C SER A 471 -11.36 22.93 14.91
N VAL A 472 -11.89 21.73 15.05
CA VAL A 472 -12.84 21.42 16.11
C VAL A 472 -12.10 21.29 17.44
N LYS A 473 -12.76 21.74 18.50
CA LYS A 473 -12.26 21.53 19.86
C LYS A 473 -12.85 20.22 20.37
N TRP A 474 -12.17 19.12 20.07
CA TRP A 474 -12.66 17.78 20.39
C TRP A 474 -12.83 17.54 21.89
N ASN A 475 -12.54 18.52 22.74
CA ASN A 475 -12.78 18.41 24.17
C ASN A 475 -14.11 19.02 24.59
N SER A 476 -14.98 19.34 23.63
CA SER A 476 -16.28 19.92 23.90
C SER A 476 -17.36 19.03 23.29
N ARG A 477 -18.19 18.45 24.16
CA ARG A 477 -19.27 17.59 23.68
C ARG A 477 -20.15 18.30 22.66
N ASP A 478 -20.41 19.59 22.87
CA ASP A 478 -21.22 20.39 21.95
C ASP A 478 -20.65 20.35 20.55
N GLU A 479 -19.45 20.92 20.37
CA GLU A 479 -18.84 21.00 19.06
C GLU A 479 -18.73 19.61 18.42
N VAL A 480 -18.34 18.61 19.21
CA VAL A 480 -18.22 17.27 18.66
C VAL A 480 -19.54 16.79 18.08
N ALA A 481 -20.62 16.94 18.84
CA ALA A 481 -21.93 16.53 18.36
C ALA A 481 -22.30 17.26 17.08
N GLN A 482 -22.23 18.60 17.09
CA GLN A 482 -22.60 19.36 15.91
C GLN A 482 -21.79 18.95 14.69
N MET A 483 -20.50 18.67 14.89
CA MET A 483 -19.67 18.18 13.80
C MET A 483 -20.17 16.84 13.28
N TYR A 484 -20.47 15.91 14.19
CA TYR A 484 -21.08 14.65 13.80
C TYR A 484 -22.26 14.89 12.87
N CYS A 485 -23.18 15.77 13.27
CA CYS A 485 -24.33 16.06 12.42
C CYS A 485 -23.90 16.61 11.08
N LEU A 486 -22.89 17.49 11.06
CA LEU A 486 -22.38 17.99 9.78
C LEU A 486 -21.80 16.87 8.92
N VAL A 487 -21.38 15.77 9.52
CA VAL A 487 -20.81 14.66 8.76
C VAL A 487 -21.91 13.72 8.25
N LYS A 488 -22.95 13.51 9.04
CA LYS A 488 -24.02 12.61 8.62
C LYS A 488 -24.62 12.98 7.28
N ASP A 489 -24.44 14.23 6.84
CA ASP A 489 -24.99 14.69 5.57
C ASP A 489 -23.95 15.36 4.68
N TRP A 490 -22.67 15.21 4.99
CA TRP A 490 -21.62 15.87 4.21
C TRP A 490 -21.53 15.25 2.82
N PRO A 491 -21.30 16.07 1.79
CA PRO A 491 -21.21 15.54 0.42
C PRO A 491 -19.99 14.67 0.25
N PRO A 492 -20.08 13.59 -0.52
CA PRO A 492 -18.91 12.74 -0.74
C PRO A 492 -17.83 13.49 -1.52
N ILE A 493 -16.57 13.13 -1.23
CA ILE A 493 -15.43 13.74 -1.89
C ILE A 493 -14.60 12.63 -2.54
N LYS A 494 -13.68 13.05 -3.42
CA LYS A 494 -12.92 12.10 -4.22
C LYS A 494 -12.08 11.18 -3.32
N PRO A 495 -11.74 9.99 -3.81
CA PRO A 495 -10.97 9.05 -2.97
C PRO A 495 -9.63 9.61 -2.51
N GLU A 496 -8.83 10.16 -3.43
CA GLU A 496 -7.53 10.71 -3.05
C GLU A 496 -7.66 11.64 -1.86
N GLN A 497 -8.72 12.44 -1.82
CA GLN A 497 -8.96 13.31 -0.67
C GLN A 497 -9.52 12.54 0.51
N ALA A 498 -10.29 11.49 0.25
CA ALA A 498 -10.89 10.73 1.36
C ALA A 498 -9.82 10.03 2.18
N MET A 499 -8.77 9.52 1.54
CA MET A 499 -7.70 8.86 2.28
C MET A 499 -7.03 9.82 3.26
N GLU A 500 -6.95 11.10 2.90
CA GLU A 500 -6.37 12.08 3.81
C GLU A 500 -7.00 12.02 5.19
N LEU A 501 -8.28 11.66 5.26
CA LEU A 501 -9.01 11.57 6.52
C LEU A 501 -8.85 10.20 7.19
N LEU A 502 -7.90 9.38 6.73
CA LEU A 502 -7.70 8.05 7.29
C LEU A 502 -6.33 7.90 7.96
N ASP A 503 -5.56 8.97 8.09
CA ASP A 503 -4.27 8.89 8.76
C ASP A 503 -4.47 9.03 10.26
N CYS A 504 -3.36 9.18 11.00
CA CYS A 504 -3.43 9.23 12.46
C CYS A 504 -4.09 10.50 12.98
N ASN A 505 -4.17 11.55 12.16
CA ASN A 505 -4.75 12.80 12.63
C ASN A 505 -6.24 12.67 12.93
N TYR A 506 -6.95 11.89 12.11
CA TYR A 506 -8.40 11.75 12.22
C TYR A 506 -8.74 10.39 12.81
N PRO A 507 -8.75 10.24 14.13
CA PRO A 507 -9.13 8.97 14.75
C PRO A 507 -10.60 8.82 15.04
N ASP A 508 -11.41 9.84 14.79
CA ASP A 508 -12.81 9.79 15.13
C ASP A 508 -13.52 8.69 14.34
N PRO A 509 -14.49 7.99 14.94
CA PRO A 509 -15.12 6.87 14.22
C PRO A 509 -16.02 7.30 13.08
N MET A 510 -16.77 8.40 13.24
CA MET A 510 -17.67 8.83 12.18
C MET A 510 -16.92 9.51 11.04
N VAL A 511 -15.78 10.13 11.33
CA VAL A 511 -14.95 10.69 10.26
C VAL A 511 -14.43 9.57 9.36
N ARG A 512 -13.71 8.61 9.96
CA ARG A 512 -13.27 7.46 9.21
C ARG A 512 -14.43 6.73 8.55
N GLY A 513 -15.59 6.74 9.18
CA GLY A 513 -16.77 6.16 8.55
C GLY A 513 -17.13 6.86 7.25
N PHE A 514 -17.23 8.19 7.30
CA PHE A 514 -17.50 8.95 6.09
C PHE A 514 -16.47 8.65 5.01
N ALA A 515 -15.18 8.72 5.37
CA ALA A 515 -14.13 8.43 4.38
C ALA A 515 -14.33 7.06 3.76
N VAL A 516 -14.58 6.04 4.59
CA VAL A 516 -14.78 4.69 4.08
C VAL A 516 -15.96 4.66 3.12
N ARG A 517 -17.03 5.38 3.45
CA ARG A 517 -18.16 5.45 2.52
C ARG A 517 -17.73 6.02 1.18
N CYS A 518 -16.97 7.13 1.21
CA CYS A 518 -16.45 7.69 -0.03
C CYS A 518 -15.69 6.65 -0.84
N LEU A 519 -14.75 5.95 -0.20
CA LEU A 519 -13.98 4.94 -0.92
C LEU A 519 -14.89 3.85 -1.49
N GLU A 520 -15.92 3.46 -0.74
CA GLU A 520 -16.85 2.46 -1.23
C GLU A 520 -17.63 2.96 -2.44
N LYS A 521 -17.83 4.27 -2.54
CA LYS A 521 -18.61 4.82 -3.65
C LYS A 521 -17.77 5.08 -4.90
N TYR A 522 -16.54 5.57 -4.75
CA TYR A 522 -15.79 6.10 -5.89
C TYR A 522 -14.46 5.41 -6.16
N LEU A 523 -14.03 4.47 -5.34
CA LEU A 523 -12.72 3.84 -5.51
C LEU A 523 -12.83 2.67 -6.48
N THR A 524 -12.12 2.75 -7.60
CA THR A 524 -12.06 1.66 -8.55
C THR A 524 -11.04 0.62 -8.09
N ASP A 525 -11.36 -0.66 -8.35
CA ASP A 525 -10.43 -1.73 -7.97
C ASP A 525 -9.02 -1.47 -8.49
N ASP A 526 -8.92 -0.85 -9.67
CA ASP A 526 -7.61 -0.41 -10.15
C ASP A 526 -6.95 0.53 -9.14
N LYS A 527 -7.63 1.62 -8.80
CA LYS A 527 -7.08 2.56 -7.83
C LYS A 527 -6.92 1.92 -6.45
N LEU A 528 -7.80 1.00 -6.08
CA LEU A 528 -7.66 0.30 -4.81
C LEU A 528 -6.34 -0.45 -4.77
N SER A 529 -6.13 -1.36 -5.72
CA SER A 529 -4.84 -2.06 -5.81
C SER A 529 -3.68 -1.07 -5.82
N GLN A 530 -3.84 0.05 -6.53
CA GLN A 530 -2.77 1.04 -6.58
C GLN A 530 -2.48 1.63 -5.21
N TYR A 531 -3.51 1.77 -4.37
CA TYR A 531 -3.37 2.38 -3.06
C TYR A 531 -3.57 1.38 -1.93
N LEU A 532 -3.29 0.10 -2.19
CA LEU A 532 -3.61 -0.95 -1.21
C LEU A 532 -2.70 -0.87 0.01
N ILE A 533 -1.39 -0.81 -0.20
CA ILE A 533 -0.44 -0.86 0.91
C ILE A 533 -0.77 0.22 1.94
N GLN A 534 -1.09 1.42 1.49
CA GLN A 534 -1.43 2.50 2.43
C GLN A 534 -2.63 2.12 3.28
N LEU A 535 -3.72 1.69 2.64
CA LEU A 535 -4.92 1.31 3.38
C LEU A 535 -4.59 0.26 4.44
N VAL A 536 -3.92 -0.82 4.03
CA VAL A 536 -3.52 -1.83 5.01
C VAL A 536 -2.71 -1.20 6.13
N GLN A 537 -1.93 -0.17 5.84
CA GLN A 537 -1.15 0.49 6.89
C GLN A 537 -2.05 1.27 7.84
N VAL A 538 -3.02 2.02 7.31
CA VAL A 538 -3.92 2.78 8.17
C VAL A 538 -4.78 1.86 9.01
N LEU A 539 -4.90 0.58 8.64
CA LEU A 539 -5.50 -0.38 9.56
C LEU A 539 -4.94 -0.22 10.98
N LYS A 540 -3.62 -0.06 11.10
CA LYS A 540 -3.00 0.05 12.41
C LYS A 540 -3.55 1.22 13.21
N TYR A 541 -4.04 2.26 12.54
CA TYR A 541 -4.56 3.44 13.23
C TYR A 541 -5.98 3.24 13.73
N GLU A 542 -6.63 2.12 13.40
CA GLU A 542 -8.00 1.90 13.83
C GLU A 542 -8.06 1.62 15.33
N GLN A 543 -9.13 2.08 15.97
CA GLN A 543 -9.23 1.97 17.42
C GLN A 543 -9.59 0.55 17.87
N TYR A 544 -10.31 -0.20 17.02
CA TYR A 544 -10.81 -1.50 17.41
C TYR A 544 -10.64 -2.49 16.26
N LEU A 545 -10.64 -3.78 16.60
CA LEU A 545 -10.48 -4.82 15.62
C LEU A 545 -11.59 -4.79 14.58
N ASP A 546 -12.85 -4.65 15.04
CA ASP A 546 -14.01 -4.65 14.16
C ASP A 546 -14.36 -3.21 13.83
N ASN A 547 -14.11 -2.80 12.58
CA ASN A 547 -14.42 -1.46 12.12
C ASN A 547 -14.89 -1.53 10.67
N LEU A 548 -15.25 -0.38 10.11
CA LEU A 548 -15.75 -0.34 8.74
C LEU A 548 -14.63 -0.54 7.73
N LEU A 549 -13.48 0.11 7.94
CA LEU A 549 -12.38 0.00 7.00
C LEU A 549 -11.99 -1.47 6.79
N VAL A 550 -11.80 -2.19 7.89
CA VAL A 550 -11.35 -3.58 7.80
C VAL A 550 -12.39 -4.44 7.06
N ARG A 551 -13.67 -4.17 7.31
CA ARG A 551 -14.71 -4.93 6.63
C ARG A 551 -14.74 -4.63 5.13
N PHE A 552 -14.56 -3.35 4.77
CA PHE A 552 -14.51 -2.97 3.36
C PHE A 552 -13.35 -3.66 2.65
N LEU A 553 -12.13 -3.44 3.15
CA LEU A 553 -10.96 -4.08 2.55
C LEU A 553 -11.14 -5.60 2.50
N LEU A 554 -11.67 -6.19 3.56
CA LEU A 554 -11.79 -7.65 3.61
C LEU A 554 -12.79 -8.16 2.59
N LYS A 555 -13.90 -7.45 2.41
CA LYS A 555 -14.87 -7.87 1.40
C LYS A 555 -14.27 -7.73 -0.01
N LYS A 556 -13.64 -6.59 -0.29
CA LYS A 556 -13.00 -6.40 -1.59
C LYS A 556 -11.97 -7.50 -1.84
N ALA A 557 -11.24 -7.91 -0.81
CA ALA A 557 -10.24 -8.96 -0.94
C ALA A 557 -10.84 -10.35 -1.05
N LEU A 558 -12.06 -10.54 -0.53
CA LEU A 558 -12.77 -11.80 -0.66
C LEU A 558 -13.63 -11.87 -1.92
N THR A 559 -13.65 -10.79 -2.71
CA THR A 559 -14.33 -10.80 -4.00
C THR A 559 -13.40 -10.53 -5.17
N ASN A 560 -12.12 -10.25 -4.92
CA ASN A 560 -11.16 -9.91 -5.97
C ASN A 560 -9.80 -10.49 -5.57
N GLN A 561 -9.44 -11.64 -6.15
CA GLN A 561 -8.19 -12.29 -5.79
C GLN A 561 -6.98 -11.42 -6.13
N ARG A 562 -7.08 -10.60 -7.18
CA ARG A 562 -5.97 -9.70 -7.48
C ARG A 562 -5.70 -8.74 -6.32
N ILE A 563 -6.74 -8.41 -5.55
CA ILE A 563 -6.55 -7.61 -4.35
C ILE A 563 -6.29 -8.51 -3.15
N GLY A 564 -6.95 -9.66 -3.07
CA GLY A 564 -6.74 -10.56 -1.96
C GLY A 564 -5.30 -11.03 -1.83
N HIS A 565 -4.59 -11.11 -2.94
CA HIS A 565 -3.19 -11.52 -2.93
C HIS A 565 -2.36 -10.54 -2.10
N PHE A 566 -2.14 -9.34 -2.64
CA PHE A 566 -1.32 -8.35 -1.95
C PHE A 566 -1.94 -7.90 -0.65
N PHE A 567 -3.23 -8.17 -0.44
CA PHE A 567 -3.81 -8.03 0.89
C PHE A 567 -3.19 -9.04 1.85
N PHE A 568 -3.23 -10.32 1.46
CA PHE A 568 -2.67 -11.39 2.28
C PHE A 568 -1.17 -11.20 2.50
N TRP A 569 -0.45 -10.69 1.49
CA TRP A 569 0.99 -10.56 1.62
C TRP A 569 1.37 -9.29 2.38
N HIS A 570 0.68 -8.18 2.12
CA HIS A 570 0.90 -6.99 2.94
C HIS A 570 0.66 -7.30 4.42
N LEU A 571 -0.36 -8.12 4.71
CA LEU A 571 -0.63 -8.49 6.09
C LEU A 571 0.44 -9.44 6.64
N LYS A 572 0.69 -10.54 5.92
CA LYS A 572 1.62 -11.57 6.40
C LYS A 572 3.02 -11.00 6.61
N SER A 573 3.46 -10.10 5.72
CA SER A 573 4.79 -9.54 5.81
C SER A 573 5.06 -8.90 7.16
N GLU A 574 4.02 -8.49 7.88
CA GLU A 574 4.17 -7.84 9.17
C GLU A 574 3.72 -8.70 10.34
N MET A 575 3.46 -10.00 10.10
CA MET A 575 3.12 -10.89 11.20
C MET A 575 4.27 -11.03 12.20
N HIS A 576 5.48 -10.65 11.81
CA HIS A 576 6.61 -10.66 12.75
C HIS A 576 6.54 -9.53 13.76
N ASN A 577 5.79 -8.46 13.46
CA ASN A 577 5.68 -7.30 14.34
C ASN A 577 4.58 -7.60 15.36
N LYS A 578 4.98 -7.81 16.62
CA LYS A 578 4.01 -8.09 17.68
C LYS A 578 3.06 -6.93 17.92
N THR A 579 3.43 -5.71 17.52
CA THR A 579 2.53 -4.58 17.67
C THR A 579 1.19 -4.83 16.98
N VAL A 580 1.19 -5.58 15.88
CA VAL A 580 -0.03 -5.84 15.13
C VAL A 580 -0.15 -7.32 14.80
N SER A 581 0.58 -8.16 15.54
CA SER A 581 0.46 -9.60 15.35
C SER A 581 -0.98 -10.06 15.57
N GLN A 582 -1.63 -9.55 16.62
CA GLN A 582 -2.99 -9.96 16.93
C GLN A 582 -3.95 -9.54 15.82
N ARG A 583 -4.00 -8.24 15.54
CA ARG A 583 -4.91 -7.70 14.51
C ARG A 583 -4.75 -8.43 13.19
N PHE A 584 -3.58 -8.28 12.56
CA PHE A 584 -3.34 -8.91 11.27
C PHE A 584 -3.51 -10.42 11.34
N GLY A 585 -3.32 -11.01 12.51
CA GLY A 585 -3.51 -12.45 12.64
C GLY A 585 -4.98 -12.84 12.53
N LEU A 586 -5.84 -12.19 13.30
CA LEU A 586 -7.27 -12.45 13.20
C LEU A 586 -7.79 -12.13 11.80
N LEU A 587 -7.41 -10.96 11.27
CA LEU A 587 -7.82 -10.58 9.92
C LEU A 587 -7.42 -11.64 8.91
N LEU A 588 -6.14 -12.01 8.90
CA LEU A 588 -5.67 -13.06 8.00
C LEU A 588 -6.45 -14.36 8.20
N GLU A 589 -6.85 -14.65 9.43
CA GLU A 589 -7.68 -15.84 9.67
C GLU A 589 -9.00 -15.72 8.91
N SER A 590 -9.75 -14.64 9.16
CA SER A 590 -11.02 -14.46 8.49
C SER A 590 -10.87 -14.49 6.97
N TYR A 591 -9.74 -13.99 6.45
CA TYR A 591 -9.55 -13.98 5.00
C TYR A 591 -9.28 -15.38 4.48
N CYS A 592 -8.29 -16.07 5.04
CA CYS A 592 -7.97 -17.41 4.57
C CYS A 592 -9.15 -18.36 4.72
N ARG A 593 -10.00 -18.13 5.72
CA ARG A 593 -11.14 -19.00 5.96
C ARG A 593 -12.22 -18.89 4.88
N ALA A 594 -12.17 -17.86 4.03
CA ALA A 594 -13.20 -17.63 3.03
C ALA A 594 -12.65 -17.27 1.66
N CYS A 595 -11.34 -17.38 1.45
CA CYS A 595 -10.75 -17.01 0.17
C CYS A 595 -10.89 -18.10 -0.88
N GLY A 596 -11.25 -19.32 -0.50
CA GLY A 596 -11.42 -20.39 -1.45
C GLY A 596 -10.13 -21.17 -1.69
N MET A 597 -10.18 -22.00 -2.74
CA MET A 597 -9.06 -22.87 -3.07
C MET A 597 -7.74 -22.12 -3.17
N TYR A 598 -7.78 -20.81 -3.45
CA TYR A 598 -6.53 -20.05 -3.58
C TYR A 598 -5.66 -20.19 -2.34
N LEU A 599 -6.28 -20.40 -1.17
CA LEU A 599 -5.49 -20.65 0.04
C LEU A 599 -4.37 -21.64 -0.24
N LYS A 600 -4.72 -22.80 -0.82
CA LYS A 600 -3.72 -23.79 -1.19
C LYS A 600 -2.52 -23.14 -1.85
N HIS A 601 -2.76 -22.44 -2.97
CA HIS A 601 -1.68 -21.79 -3.69
C HIS A 601 -0.84 -20.93 -2.74
N LEU A 602 -1.50 -20.06 -1.97
CA LEU A 602 -0.78 -19.23 -1.01
C LEU A 602 0.14 -20.08 -0.14
N ASN A 603 -0.40 -21.15 0.43
CA ASN A 603 0.42 -22.06 1.23
C ASN A 603 1.68 -22.46 0.47
N ARG A 604 1.50 -22.97 -0.75
CA ARG A 604 2.65 -23.32 -1.58
C ARG A 604 3.65 -22.16 -1.60
N GLN A 605 3.17 -20.97 -1.95
CA GLN A 605 4.04 -19.79 -1.94
C GLN A 605 4.74 -19.65 -0.60
N VAL A 606 3.96 -19.65 0.49
CA VAL A 606 4.55 -19.47 1.82
C VAL A 606 5.61 -20.53 2.08
N GLU A 607 5.44 -21.73 1.52
CA GLU A 607 6.49 -22.75 1.68
C GLU A 607 7.73 -22.35 0.89
N ALA A 608 7.56 -22.02 -0.38
CA ALA A 608 8.69 -21.62 -1.22
C ALA A 608 9.53 -20.56 -0.51
N MET A 609 8.93 -19.40 -0.26
CA MET A 609 9.61 -18.36 0.51
C MET A 609 10.30 -18.96 1.73
N GLU A 610 9.55 -19.72 2.52
CA GLU A 610 10.11 -20.45 3.66
C GLU A 610 11.45 -21.05 3.29
N LYS A 611 11.45 -22.03 2.37
CA LYS A 611 12.69 -22.68 1.97
C LYS A 611 13.76 -21.65 1.63
N LEU A 612 13.42 -20.68 0.78
CA LEU A 612 14.38 -19.65 0.41
C LEU A 612 15.00 -19.02 1.65
N ILE A 613 14.15 -18.54 2.57
CA ILE A 613 14.66 -17.87 3.76
C ILE A 613 15.62 -18.78 4.51
N ASN A 614 15.33 -20.09 4.53
CA ASN A 614 16.26 -21.04 5.14
C ASN A 614 17.62 -20.97 4.45
N LEU A 615 17.62 -21.19 3.13
CA LEU A 615 18.88 -21.27 2.39
C LEU A 615 19.69 -20.00 2.55
N THR A 616 19.12 -18.86 2.20
CA THR A 616 19.81 -17.59 2.42
C THR A 616 20.33 -17.49 3.85
N ASP A 617 19.52 -17.90 4.82
CA ASP A 617 19.97 -17.87 6.21
C ASP A 617 21.25 -18.68 6.39
N ILE A 618 21.25 -19.92 5.90
CA ILE A 618 22.46 -20.73 5.99
C ILE A 618 23.56 -20.16 5.11
N LEU A 619 23.23 -19.37 4.10
CA LEU A 619 24.25 -18.78 3.25
C LEU A 619 24.90 -17.57 3.93
N LYS A 620 24.13 -16.80 4.70
CA LYS A 620 24.62 -15.63 5.40
C LYS A 620 25.10 -15.93 6.81
N GLN A 621 25.38 -17.20 7.12
CA GLN A 621 25.83 -17.58 8.45
C GLN A 621 26.98 -18.58 8.38
N GLU A 622 26.65 -19.84 8.14
CA GLU A 622 27.66 -20.90 8.20
C GLU A 622 28.68 -20.76 7.08
N LYS A 623 28.20 -20.63 5.84
CA LYS A 623 29.08 -20.47 4.69
C LYS A 623 29.15 -19.03 4.20
N LYS A 624 29.02 -18.07 5.10
CA LYS A 624 29.08 -16.66 4.73
C LYS A 624 30.44 -16.31 4.15
N GLN A 628 33.31 -17.00 -2.31
CA GLN A 628 32.04 -16.76 -2.97
C GLN A 628 31.72 -17.88 -3.96
N LYS A 629 32.76 -18.62 -4.37
CA LYS A 629 32.54 -19.81 -5.18
C LYS A 629 32.04 -20.97 -4.31
N VAL A 630 32.61 -21.13 -3.12
CA VAL A 630 32.15 -22.14 -2.18
C VAL A 630 30.69 -21.87 -1.82
N GLN A 631 30.33 -20.60 -1.63
CA GLN A 631 28.93 -20.26 -1.41
C GLN A 631 28.05 -20.78 -2.53
N MET A 632 28.50 -20.62 -3.78
CA MET A 632 27.72 -21.10 -4.92
C MET A 632 27.58 -22.61 -4.88
N LYS A 633 28.69 -23.32 -4.63
CA LYS A 633 28.64 -24.78 -4.55
C LYS A 633 27.62 -25.22 -3.50
N PHE A 634 27.81 -24.77 -2.26
CA PHE A 634 26.87 -25.11 -1.19
C PHE A 634 25.43 -24.80 -1.60
N LEU A 635 25.21 -23.63 -2.19
CA LEU A 635 23.86 -23.25 -2.61
C LEU A 635 23.29 -24.24 -3.60
N VAL A 636 24.07 -24.66 -4.59
CA VAL A 636 23.59 -25.64 -5.56
C VAL A 636 23.23 -26.94 -4.86
N GLU A 637 24.08 -27.39 -3.94
CA GLU A 637 23.82 -28.67 -3.28
C GLU A 637 22.55 -28.62 -2.44
N GLN A 638 22.41 -27.59 -1.60
CA GLN A 638 21.19 -27.46 -0.81
C GLN A 638 19.97 -27.30 -1.70
N MET A 639 20.10 -26.55 -2.79
CA MET A 639 19.00 -26.35 -3.72
C MET A 639 18.61 -27.65 -4.40
N ARG A 640 19.57 -28.54 -4.64
CA ARG A 640 19.31 -29.77 -5.36
C ARG A 640 18.54 -30.79 -4.54
N ARG A 641 18.48 -30.62 -3.22
CA ARG A 641 17.77 -31.57 -2.38
C ARG A 641 16.29 -31.62 -2.80
N PRO A 642 15.68 -32.81 -2.84
CA PRO A 642 14.30 -32.90 -3.34
C PRO A 642 13.32 -32.03 -2.59
N ASP A 643 13.37 -32.03 -1.25
CA ASP A 643 12.52 -31.14 -0.47
C ASP A 643 12.51 -29.74 -1.09
N PHE A 644 13.69 -29.21 -1.35
CA PHE A 644 13.81 -27.88 -1.94
C PHE A 644 13.22 -27.85 -3.35
N MET A 645 13.57 -28.84 -4.18
CA MET A 645 13.10 -28.83 -5.57
C MET A 645 11.58 -28.82 -5.63
N ASP A 646 10.93 -29.68 -4.86
CA ASP A 646 9.48 -29.71 -4.84
C ASP A 646 8.92 -28.40 -4.30
N ALA A 647 9.45 -27.92 -3.17
CA ALA A 647 8.87 -26.77 -2.51
C ALA A 647 9.04 -25.48 -3.31
N LEU A 648 10.04 -25.41 -4.20
CA LEU A 648 10.29 -24.20 -4.97
C LEU A 648 10.03 -24.39 -6.46
N GLN A 649 9.10 -25.29 -6.81
CA GLN A 649 8.73 -25.50 -8.19
C GLN A 649 7.21 -25.62 -8.28
N GLY A 650 6.65 -25.11 -9.38
CA GLY A 650 5.22 -25.18 -9.61
C GLY A 650 4.42 -24.36 -8.61
N PHE A 651 4.51 -23.04 -8.72
CA PHE A 651 3.72 -22.15 -7.89
C PHE A 651 3.71 -20.77 -8.52
N LEU A 652 2.78 -19.93 -8.06
CA LEU A 652 2.59 -18.62 -8.66
C LEU A 652 3.57 -17.61 -8.09
N SER A 653 3.92 -16.62 -8.91
CA SER A 653 4.87 -15.59 -8.52
C SER A 653 4.24 -14.62 -7.54
N PRO A 654 4.68 -14.56 -6.28
CA PRO A 654 4.10 -13.58 -5.33
C PRO A 654 4.17 -12.14 -5.82
N LEU A 655 5.03 -11.83 -6.79
CA LEU A 655 5.04 -10.49 -7.36
C LEU A 655 3.85 -10.28 -8.29
N ASN A 656 3.45 -11.32 -9.00
CA ASN A 656 2.31 -11.27 -9.91
C ASN A 656 1.67 -12.66 -9.98
N PRO A 657 0.60 -12.92 -9.23
CA PRO A 657 0.02 -14.27 -9.23
C PRO A 657 -0.43 -14.77 -10.60
N ALA A 658 -0.47 -13.91 -11.61
CA ALA A 658 -0.76 -14.36 -12.97
C ALA A 658 0.42 -15.10 -13.61
N HIS A 659 1.59 -15.07 -12.99
CA HIS A 659 2.79 -15.69 -13.53
C HIS A 659 2.98 -17.07 -12.90
N GLN A 660 2.92 -18.11 -13.73
CA GLN A 660 3.23 -19.46 -13.29
C GLN A 660 4.74 -19.67 -13.28
N LEU A 661 5.24 -20.26 -12.20
CA LEU A 661 6.66 -20.57 -12.05
C LEU A 661 6.80 -22.09 -11.93
N GLY A 662 7.38 -22.70 -12.96
CA GLY A 662 7.48 -24.15 -13.01
C GLY A 662 8.79 -24.69 -12.49
N ASN A 663 9.54 -25.36 -13.36
CA ASN A 663 10.80 -25.98 -12.96
C ASN A 663 11.92 -24.95 -12.87
N LEU A 664 12.72 -25.04 -11.82
CA LEU A 664 13.89 -24.18 -11.69
C LEU A 664 14.91 -24.50 -12.76
N ARG A 665 15.44 -23.46 -13.40
CA ARG A 665 16.59 -23.60 -14.30
C ARG A 665 17.84 -23.30 -13.49
N LEU A 666 18.29 -24.30 -12.73
CA LEU A 666 19.42 -24.10 -11.81
C LEU A 666 20.64 -23.57 -12.54
N GLU A 667 20.89 -24.06 -13.76
CA GLU A 667 22.03 -23.58 -14.53
C GLU A 667 22.00 -22.08 -14.70
N GLU A 668 20.86 -21.43 -14.45
CA GLU A 668 20.73 -19.98 -14.56
C GLU A 668 20.62 -19.29 -13.21
N CYS A 669 20.43 -20.02 -12.12
CA CYS A 669 20.42 -19.42 -10.80
C CYS A 669 21.84 -19.18 -10.31
N ARG A 670 21.98 -18.23 -9.39
CA ARG A 670 23.30 -17.83 -8.90
C ARG A 670 23.13 -16.83 -7.76
N ILE A 671 24.23 -16.60 -7.05
CA ILE A 671 24.31 -15.53 -6.05
C ILE A 671 24.79 -14.27 -6.74
N MET A 672 24.14 -13.14 -6.44
CA MET A 672 24.33 -11.94 -7.25
C MET A 672 25.69 -11.29 -7.06
N SER A 673 26.44 -11.66 -6.02
CA SER A 673 27.81 -11.20 -5.84
C SER A 673 27.92 -9.68 -5.90
N SER A 674 27.01 -8.99 -5.20
CA SER A 674 27.09 -7.55 -5.05
C SER A 674 27.15 -7.16 -3.58
N ALA A 675 26.06 -7.38 -2.83
CA ALA A 675 26.02 -7.14 -1.39
C ALA A 675 24.74 -7.74 -0.84
N LYS A 676 24.83 -8.33 0.34
CA LYS A 676 23.74 -8.99 1.04
C LYS A 676 23.38 -10.32 0.40
N ARG A 677 24.23 -10.87 -0.46
CA ARG A 677 24.01 -12.19 -1.06
C ARG A 677 22.64 -12.31 -1.72
N PRO A 678 22.31 -11.46 -2.68
CA PRO A 678 21.03 -11.58 -3.38
C PRO A 678 20.97 -12.88 -4.18
N LEU A 679 19.78 -13.49 -4.21
CA LEU A 679 19.58 -14.75 -4.89
C LEU A 679 18.92 -14.49 -6.25
N TRP A 680 19.57 -14.94 -7.31
CA TRP A 680 19.07 -14.77 -8.68
C TRP A 680 18.41 -16.08 -9.10
N LEU A 681 17.09 -16.04 -9.30
CA LEU A 681 16.31 -17.23 -9.60
C LEU A 681 15.67 -17.12 -10.97
N ASN A 682 15.63 -18.25 -11.68
CA ASN A 682 15.15 -18.32 -13.05
C ASN A 682 14.26 -19.54 -13.19
N TRP A 683 12.99 -19.32 -13.57
CA TRP A 683 12.02 -20.39 -13.74
C TRP A 683 11.60 -20.49 -15.20
N GLU A 684 11.22 -21.70 -15.60
CA GLU A 684 10.63 -21.92 -16.92
C GLU A 684 9.15 -21.57 -16.86
N ASN A 685 8.71 -20.76 -17.82
CA ASN A 685 7.29 -20.38 -17.88
C ASN A 685 6.48 -21.52 -18.47
N PRO A 686 5.63 -22.17 -17.67
CA PRO A 686 4.89 -23.34 -18.17
C PRO A 686 3.74 -23.00 -19.11
N ASP A 687 3.39 -21.72 -19.25
CA ASP A 687 2.25 -21.34 -20.06
C ASP A 687 2.36 -21.95 -21.46
N ILE A 688 1.21 -22.35 -22.01
CA ILE A 688 1.19 -22.97 -23.33
C ILE A 688 1.86 -22.08 -24.36
N MET A 689 1.71 -20.76 -24.21
CA MET A 689 2.28 -19.78 -25.12
C MET A 689 3.41 -18.99 -24.48
N SER A 690 4.19 -19.63 -23.61
CA SER A 690 5.24 -18.91 -22.87
C SER A 690 6.15 -18.12 -23.80
N GLU A 691 6.29 -18.55 -25.06
CA GLU A 691 7.21 -17.90 -25.98
C GLU A 691 6.72 -16.52 -26.42
N LEU A 692 5.43 -16.24 -26.34
CA LEU A 692 4.88 -14.95 -26.76
C LEU A 692 4.94 -13.90 -25.66
N LEU A 693 5.48 -14.23 -24.49
CA LEU A 693 5.61 -13.27 -23.40
C LEU A 693 7.01 -13.33 -22.82
N PHE A 694 7.37 -14.49 -22.26
CA PHE A 694 8.74 -14.75 -21.84
C PHE A 694 8.88 -16.22 -21.43
N GLN A 695 9.78 -16.94 -22.09
CA GLN A 695 9.97 -18.36 -21.79
C GLN A 695 10.65 -18.60 -20.45
N ASN A 696 11.06 -17.55 -19.75
CA ASN A 696 11.69 -17.69 -18.44
C ASN A 696 11.38 -16.46 -17.60
N ASN A 697 11.04 -16.68 -16.34
CA ASN A 697 10.73 -15.64 -15.39
C ASN A 697 11.85 -15.56 -14.37
N GLU A 698 12.47 -14.39 -14.23
CA GLU A 698 13.62 -14.21 -13.38
C GLU A 698 13.26 -13.25 -12.24
N ILE A 699 13.61 -13.63 -11.02
CA ILE A 699 13.31 -12.83 -9.84
C ILE A 699 14.51 -12.84 -8.90
N ILE A 700 14.61 -11.79 -8.09
CA ILE A 700 15.72 -11.63 -7.14
C ILE A 700 15.14 -11.77 -5.74
N PHE A 701 15.41 -12.90 -5.09
CA PHE A 701 15.04 -13.08 -3.69
C PHE A 701 16.14 -12.46 -2.83
N LYS A 702 15.81 -11.39 -2.12
CA LYS A 702 16.75 -10.71 -1.25
C LYS A 702 16.32 -10.89 0.20
N ASN A 703 17.23 -11.42 1.02
CA ASN A 703 17.04 -11.60 2.45
C ASN A 703 18.10 -10.78 3.16
N GLY A 704 17.70 -9.65 3.75
CA GLY A 704 18.64 -8.83 4.49
C GLY A 704 18.38 -7.34 4.38
N ASP A 705 17.76 -6.90 3.30
CA ASP A 705 17.52 -5.48 3.04
C ASP A 705 16.04 -5.18 3.11
N ASP A 706 15.69 -4.17 3.90
CA ASP A 706 14.30 -3.73 4.03
C ASP A 706 13.78 -3.25 2.68
N LEU A 707 12.69 -3.84 2.20
CA LEU A 707 12.15 -3.54 0.89
C LEU A 707 10.94 -2.62 0.92
N ARG A 708 10.50 -2.19 2.11
CA ARG A 708 9.35 -1.30 2.18
C ARG A 708 9.61 0.01 1.46
N GLN A 709 10.75 0.65 1.76
CA GLN A 709 11.09 1.90 1.10
C GLN A 709 11.06 1.75 -0.42
N ASP A 710 11.64 0.66 -0.93
CA ASP A 710 11.61 0.44 -2.38
C ASP A 710 10.20 0.22 -2.88
N MET A 711 9.36 -0.48 -2.12
CA MET A 711 7.97 -0.65 -2.51
C MET A 711 7.27 0.70 -2.67
N LEU A 712 7.40 1.57 -1.66
CA LEU A 712 6.76 2.88 -1.74
C LEU A 712 7.32 3.70 -2.89
N THR A 713 8.64 3.67 -3.08
CA THR A 713 9.25 4.45 -4.17
C THR A 713 8.72 3.99 -5.52
N LEU A 714 8.76 2.68 -5.79
CA LEU A 714 8.26 2.17 -7.06
C LEU A 714 6.78 2.49 -7.24
N GLN A 715 6.01 2.38 -6.16
CA GLN A 715 4.60 2.76 -6.23
C GLN A 715 4.44 4.20 -6.70
N ILE A 716 5.12 5.13 -6.02
CA ILE A 716 5.02 6.54 -6.39
C ILE A 716 5.51 6.78 -7.81
N ILE A 717 6.45 5.95 -8.28
CA ILE A 717 6.92 6.09 -9.65
C ILE A 717 5.82 5.68 -10.63
N ARG A 718 5.14 4.56 -10.35
CA ARG A 718 4.03 4.16 -11.20
C ARG A 718 2.93 5.21 -11.21
N ILE A 719 2.63 5.79 -10.03
CA ILE A 719 1.60 6.82 -9.95
C ILE A 719 2.01 8.04 -10.78
N MET A 720 3.26 8.48 -10.63
CA MET A 720 3.75 9.60 -11.43
C MET A 720 3.60 9.31 -12.92
N GLU A 721 4.04 8.13 -13.35
CA GLU A 721 3.91 7.76 -14.75
C GLU A 721 2.46 7.85 -15.21
N ASN A 722 1.52 7.33 -14.39
CA ASN A 722 0.12 7.42 -14.75
C ASN A 722 -0.34 8.87 -14.83
N ILE A 723 0.24 9.75 -14.02
CA ILE A 723 -0.12 11.17 -14.07
C ILE A 723 0.34 11.80 -15.37
N TRP A 724 1.61 11.57 -15.73
CA TRP A 724 2.13 12.14 -16.97
C TRP A 724 1.39 11.58 -18.18
N GLN A 725 1.03 10.29 -18.15
CA GLN A 725 0.28 9.71 -19.26
C GLN A 725 -1.11 10.30 -19.34
N ASN A 726 -1.82 10.38 -18.21
CA ASN A 726 -3.13 11.01 -18.18
C ASN A 726 -3.07 12.51 -18.44
N GLN A 727 -1.88 13.11 -18.48
CA GLN A 727 -1.72 14.53 -18.74
C GLN A 727 -1.21 14.83 -20.15
N GLY A 728 -0.77 13.83 -20.89
CA GLY A 728 -0.42 14.01 -22.29
C GLY A 728 1.06 14.13 -22.60
N LEU A 729 1.95 13.74 -21.68
CA LEU A 729 3.38 13.75 -21.94
C LEU A 729 3.93 12.36 -21.63
N ASP A 730 4.47 11.70 -22.67
CA ASP A 730 4.88 10.30 -22.58
C ASP A 730 6.31 10.23 -22.07
N LEU A 731 6.47 10.20 -20.75
CA LEU A 731 7.76 10.01 -20.10
C LEU A 731 7.77 8.59 -19.53
N ARG A 732 8.27 7.65 -20.34
CA ARG A 732 8.22 6.25 -20.00
C ARG A 732 8.99 5.93 -18.72
N MET A 733 8.27 5.71 -17.63
CA MET A 733 8.89 5.25 -16.40
C MET A 733 8.90 3.72 -16.36
N LEU A 734 9.62 3.17 -15.40
CA LEU A 734 9.73 1.72 -15.24
C LEU A 734 9.60 1.37 -13.76
N PRO A 735 8.37 1.23 -13.27
CA PRO A 735 8.13 0.81 -11.88
C PRO A 735 8.05 -0.71 -11.76
N TYR A 736 9.22 -1.35 -11.75
CA TYR A 736 9.28 -2.79 -11.68
C TYR A 736 8.71 -3.30 -10.35
N GLY A 737 8.38 -4.59 -10.33
CA GLY A 737 7.80 -5.19 -9.14
C GLY A 737 8.75 -5.15 -7.96
N CYS A 738 8.16 -5.37 -6.78
CA CYS A 738 8.90 -5.34 -5.52
C CYS A 738 7.94 -5.55 -4.35
N LEU A 739 8.02 -6.71 -3.70
CA LEU A 739 7.06 -7.11 -2.67
C LEU A 739 7.80 -7.55 -1.42
N SER A 740 7.58 -6.83 -0.32
CA SER A 740 8.08 -7.25 0.98
C SER A 740 7.17 -8.34 1.53
N ILE A 741 7.75 -9.49 1.87
CA ILE A 741 6.98 -10.64 2.35
C ILE A 741 7.32 -10.99 3.79
N GLY A 742 8.18 -10.23 4.44
CA GLY A 742 8.52 -10.53 5.82
C GLY A 742 9.49 -9.50 6.36
N ASP A 743 10.16 -9.89 7.46
CA ASP A 743 11.10 -9.00 8.12
C ASP A 743 12.37 -8.92 7.27
N CYS A 744 12.48 -7.85 6.49
CA CYS A 744 13.66 -7.60 5.65
C CYS A 744 13.92 -8.75 4.69
N VAL A 745 12.84 -9.31 4.14
CA VAL A 745 12.92 -10.30 3.07
C VAL A 745 11.94 -9.87 1.99
N GLY A 746 12.28 -10.15 0.74
CA GLY A 746 11.38 -9.77 -0.33
C GLY A 746 11.90 -10.21 -1.68
N LEU A 747 11.08 -9.94 -2.70
CA LEU A 747 11.38 -10.29 -4.07
C LEU A 747 11.49 -9.03 -4.92
N ILE A 748 12.27 -9.12 -5.99
CA ILE A 748 12.49 -7.99 -6.90
C ILE A 748 12.36 -8.48 -8.32
N GLU A 749 11.60 -7.77 -9.14
CA GLU A 749 11.39 -8.17 -10.52
C GLU A 749 12.63 -7.90 -11.37
N VAL A 750 12.93 -8.82 -12.26
CA VAL A 750 14.07 -8.69 -13.16
C VAL A 750 13.61 -8.07 -14.48
N VAL A 751 14.28 -7.01 -14.89
CA VAL A 751 13.96 -6.31 -16.14
C VAL A 751 14.84 -6.92 -17.23
N ARG A 752 14.22 -7.72 -18.11
CA ARG A 752 14.97 -8.40 -19.16
C ARG A 752 15.71 -7.42 -20.03
N ASN A 753 16.97 -7.72 -20.32
CA ASN A 753 17.79 -6.93 -21.23
C ASN A 753 18.06 -5.53 -20.67
N SER A 754 18.67 -5.47 -19.48
CA SER A 754 19.06 -4.22 -18.86
C SER A 754 20.49 -4.32 -18.37
N HIS A 755 21.17 -3.17 -18.36
CA HIS A 755 22.56 -3.12 -17.91
C HIS A 755 22.80 -1.80 -17.20
N THR A 756 23.81 -1.78 -16.34
CA THR A 756 24.14 -0.57 -15.58
C THR A 756 25.05 0.33 -16.41
N ILE A 757 25.03 1.62 -16.05
CA ILE A 757 25.89 2.59 -16.73
C ILE A 757 27.35 2.13 -16.69
N MET A 758 27.82 1.76 -15.51
CA MET A 758 29.21 1.34 -15.36
C MET A 758 29.53 0.13 -16.22
N GLN A 759 28.57 -0.77 -16.41
CA GLN A 759 28.81 -1.95 -17.24
C GLN A 759 28.99 -1.56 -18.70
N ILE A 760 28.21 -0.60 -19.17
CA ILE A 760 28.38 -0.12 -20.54
C ILE A 760 29.71 0.61 -20.68
N GLN A 761 30.09 1.39 -19.66
CA GLN A 761 31.38 2.08 -19.70
C GLN A 761 32.55 1.09 -19.71
N CYS A 762 32.40 -0.04 -19.02
CA CYS A 762 33.48 -1.01 -18.94
C CYS A 762 33.74 -1.66 -20.29
N LYS A 763 32.77 -2.41 -20.81
CA LYS A 763 32.93 -3.14 -22.05
C LYS A 763 32.86 -2.17 -23.22
N GLY A 764 33.99 -1.94 -23.88
CA GLY A 764 34.03 -1.06 -25.04
C GLY A 764 34.92 0.15 -24.84
N PHE A 772 38.83 5.30 -16.89
CA PHE A 772 37.89 6.40 -16.88
C PHE A 772 37.57 6.87 -18.31
N ASN A 773 36.30 6.76 -18.69
CA ASN A 773 35.85 7.18 -20.00
C ASN A 773 34.36 7.49 -19.94
N SER A 774 33.94 8.51 -20.67
CA SER A 774 32.56 8.99 -20.60
C SER A 774 32.12 9.49 -21.97
N HIS A 775 32.04 8.59 -22.94
CA HIS A 775 31.58 8.96 -24.27
C HIS A 775 31.13 7.74 -25.07
N THR A 776 31.21 6.57 -24.45
CA THR A 776 30.87 5.32 -25.11
C THR A 776 29.45 4.84 -24.86
N LEU A 777 28.70 5.52 -23.98
CA LEU A 777 27.29 5.17 -23.81
C LEU A 777 26.52 5.38 -25.12
N HIS A 778 26.61 6.59 -25.67
CA HIS A 778 25.93 6.88 -26.93
C HIS A 778 26.35 5.90 -28.03
N GLN A 779 27.65 5.56 -28.08
CA GLN A 779 28.11 4.65 -29.11
C GLN A 779 27.54 3.24 -28.90
N TRP A 780 27.51 2.77 -27.66
CA TRP A 780 26.94 1.47 -27.36
C TRP A 780 25.47 1.42 -27.77
N LEU A 781 24.71 2.46 -27.43
CA LEU A 781 23.31 2.50 -27.84
C LEU A 781 23.18 2.53 -29.36
N LYS A 782 24.07 3.26 -30.04
CA LYS A 782 24.01 3.33 -31.49
C LYS A 782 24.26 1.96 -32.12
N ASP A 783 25.28 1.25 -31.63
CA ASP A 783 25.55 -0.09 -32.14
C ASP A 783 24.38 -1.01 -31.86
N LYS A 784 23.83 -0.96 -30.64
CA LYS A 784 22.68 -1.77 -30.29
C LYS A 784 21.40 -1.30 -30.98
N ASN A 785 21.41 -0.12 -31.58
CA ASN A 785 20.23 0.43 -32.26
C ASN A 785 20.73 1.16 -33.52
N LYS A 786 20.83 0.42 -34.62
CA LYS A 786 21.32 0.95 -35.88
C LYS A 786 20.18 1.10 -36.87
N GLY A 787 20.26 2.15 -37.68
CA GLY A 787 19.24 2.42 -38.68
C GLY A 787 18.16 3.35 -38.16
N GLU A 788 16.99 3.23 -38.79
CA GLU A 788 15.85 4.06 -38.40
C GLU A 788 15.49 3.91 -36.93
N ILE A 789 15.95 2.83 -36.28
CA ILE A 789 15.65 2.63 -34.86
C ILE A 789 16.37 3.69 -34.01
N TYR A 790 17.58 4.08 -34.42
CA TYR A 790 18.39 5.04 -33.68
C TYR A 790 17.55 6.15 -33.09
N ASP A 791 16.98 6.99 -33.95
CA ASP A 791 16.11 8.09 -33.51
C ASP A 791 15.20 7.64 -32.37
N ALA A 792 14.35 6.65 -32.64
CA ALA A 792 13.43 6.13 -31.62
C ALA A 792 14.16 5.94 -30.29
N ALA A 793 15.21 5.11 -30.30
CA ALA A 793 15.98 4.87 -29.09
C ALA A 793 16.26 6.18 -28.35
N ILE A 794 16.90 7.12 -29.03
CA ILE A 794 17.22 8.41 -28.41
C ILE A 794 16.01 8.94 -27.67
N ASP A 795 14.89 9.11 -28.39
CA ASP A 795 13.66 9.60 -27.78
C ASP A 795 13.44 8.95 -26.42
N LEU A 796 13.32 7.62 -26.41
CA LEU A 796 13.13 6.90 -25.16
C LEU A 796 14.11 7.40 -24.10
N PHE A 797 15.41 7.19 -24.35
CA PHE A 797 16.40 7.52 -23.33
C PHE A 797 16.25 8.95 -22.84
N THR A 798 15.85 9.86 -23.73
CA THR A 798 15.60 11.22 -23.29
C THR A 798 14.41 11.26 -22.34
N ARG A 799 13.22 10.92 -22.85
CA ARG A 799 12.01 11.06 -22.08
C ARG A 799 12.15 10.41 -20.71
N SER A 800 12.30 9.08 -20.68
CA SER A 800 12.52 8.38 -19.43
C SER A 800 13.51 9.14 -18.55
N CYS A 801 14.68 9.45 -19.08
CA CYS A 801 15.70 10.16 -18.31
C CYS A 801 15.08 11.38 -17.63
N ALA A 802 14.52 12.28 -18.43
CA ALA A 802 13.87 13.47 -17.87
C ALA A 802 13.00 13.10 -16.69
N GLY A 803 12.09 12.15 -16.89
CA GLY A 803 11.24 11.69 -15.81
C GLY A 803 12.05 11.33 -14.59
N TYR A 804 12.95 10.34 -14.74
CA TYR A 804 13.72 9.88 -13.61
C TYR A 804 14.54 11.01 -13.00
N CYS A 805 14.87 12.03 -13.78
CA CYS A 805 15.49 13.21 -13.20
C CYS A 805 14.49 13.87 -12.26
N VAL A 806 13.40 14.39 -12.84
CA VAL A 806 12.40 15.12 -12.06
C VAL A 806 12.04 14.34 -10.80
N ALA A 807 11.57 13.11 -10.99
CA ALA A 807 11.20 12.26 -9.86
C ALA A 807 12.28 12.27 -8.78
N THR A 808 13.51 11.91 -9.16
CA THR A 808 14.57 11.79 -8.17
C THR A 808 14.81 13.10 -7.44
N PHE A 809 14.58 14.23 -8.11
CA PHE A 809 14.73 15.52 -7.43
C PHE A 809 13.62 15.75 -6.42
N ILE A 810 12.39 15.39 -6.77
CA ILE A 810 11.26 15.67 -5.89
C ILE A 810 11.30 14.76 -4.66
N LEU A 811 11.62 13.47 -4.87
CA LEU A 811 11.64 12.53 -3.77
C LEU A 811 12.93 12.57 -2.96
N GLY A 812 13.95 13.28 -3.43
CA GLY A 812 15.22 13.32 -2.74
C GLY A 812 15.83 11.95 -2.58
N ILE A 813 15.84 11.17 -3.66
CA ILE A 813 16.37 9.81 -3.59
C ILE A 813 17.85 9.85 -3.24
N GLY A 814 18.34 8.76 -2.65
CA GLY A 814 19.72 8.66 -2.23
C GLY A 814 20.72 8.94 -3.34
N ASP A 815 22.01 8.90 -2.99
CA ASP A 815 23.06 9.20 -3.96
C ASP A 815 22.99 8.24 -5.14
N ARG A 816 22.80 8.80 -6.33
CA ARG A 816 22.84 8.03 -7.56
C ARG A 816 24.28 7.91 -8.05
N HIS A 817 24.55 6.86 -8.83
CA HIS A 817 25.88 6.66 -9.39
C HIS A 817 25.76 5.75 -10.61
N ASN A 818 26.91 5.37 -11.16
CA ASN A 818 26.95 4.66 -12.44
C ASN A 818 26.34 3.27 -12.37
N SER A 819 26.16 2.71 -11.18
CA SER A 819 25.53 1.40 -11.04
C SER A 819 24.12 1.46 -10.45
N ASN A 820 23.73 2.58 -9.85
CA ASN A 820 22.34 2.75 -9.44
C ASN A 820 21.43 2.94 -10.65
N ILE A 821 21.96 3.51 -11.73
CA ILE A 821 21.18 3.75 -12.94
C ILE A 821 21.36 2.58 -13.89
N MET A 822 20.39 2.39 -14.77
CA MET A 822 20.41 1.29 -15.73
C MET A 822 19.70 1.73 -17.01
N VAL A 823 20.08 1.10 -18.11
CA VAL A 823 19.46 1.34 -19.42
C VAL A 823 19.23 0.00 -20.09
N LYS A 824 18.18 -0.06 -20.91
CA LYS A 824 17.84 -1.23 -21.69
C LYS A 824 18.41 -1.12 -23.10
N ASP A 825 18.48 -2.26 -23.78
CA ASP A 825 19.02 -2.29 -25.13
C ASP A 825 18.22 -1.43 -26.11
N ASP A 826 17.05 -0.92 -25.72
CA ASP A 826 16.27 -0.04 -26.56
C ASP A 826 16.31 1.41 -26.10
N GLY A 827 17.08 1.74 -25.08
CA GLY A 827 17.24 3.10 -24.62
C GLY A 827 16.46 3.47 -23.38
N GLN A 828 15.71 2.55 -22.79
CA GLN A 828 14.96 2.84 -21.58
C GLN A 828 15.91 3.01 -20.40
N LEU A 829 15.79 4.14 -19.70
CA LEU A 829 16.60 4.43 -18.53
C LEU A 829 15.74 4.37 -17.28
N PHE A 830 16.27 3.76 -16.22
CA PHE A 830 15.53 3.63 -14.97
C PHE A 830 16.52 3.37 -13.85
N HIS A 831 16.11 3.71 -12.63
CA HIS A 831 16.94 3.54 -11.44
C HIS A 831 16.53 2.28 -10.67
N ILE A 832 17.32 1.95 -9.66
CA ILE A 832 17.10 0.78 -8.82
C ILE A 832 17.64 1.07 -7.42
N ASP A 833 17.30 0.18 -6.48
CA ASP A 833 17.79 0.23 -5.10
C ASP A 833 17.74 1.65 -4.54
N PHE A 834 16.56 2.08 -4.11
CA PHE A 834 16.39 3.40 -3.52
C PHE A 834 16.70 3.28 -2.03
N GLY A 835 17.96 3.50 -1.68
CA GLY A 835 18.41 3.36 -0.31
C GLY A 835 17.64 4.20 0.67
N HIS A 836 17.73 5.53 0.53
CA HIS A 836 17.04 6.45 1.42
C HIS A 836 16.50 7.61 0.60
N PHE A 837 15.31 8.09 0.97
CA PHE A 837 14.65 9.17 0.28
C PHE A 837 14.35 10.31 1.25
N LEU A 838 14.13 11.50 0.69
CA LEU A 838 13.82 12.71 1.45
C LEU A 838 15.02 13.21 2.26
N ASP A 839 16.23 12.80 1.91
CA ASP A 839 17.42 13.24 2.62
C ASP A 839 18.68 12.69 1.95
N ARG A 851 18.72 19.55 -2.76
CA ARG A 851 19.75 18.60 -3.10
C ARG A 851 19.41 17.86 -4.39
N VAL A 852 20.21 18.08 -5.43
CA VAL A 852 20.01 17.46 -6.73
C VAL A 852 20.78 16.14 -6.77
N PRO A 853 20.13 15.01 -6.49
CA PRO A 853 20.87 13.74 -6.51
C PRO A 853 21.27 13.30 -7.91
N PHE A 854 20.34 13.41 -8.87
CA PHE A 854 20.61 12.98 -10.25
C PHE A 854 21.23 14.14 -11.02
N VAL A 855 22.56 14.26 -10.87
CA VAL A 855 23.35 15.24 -11.61
C VAL A 855 23.72 14.60 -12.95
N LEU A 856 22.91 14.89 -13.97
CA LEU A 856 23.11 14.31 -15.29
C LEU A 856 24.56 14.46 -15.74
N THR A 857 25.24 13.33 -15.90
CA THR A 857 26.63 13.33 -16.34
C THR A 857 26.71 13.63 -17.84
N GLN A 858 27.93 13.89 -18.31
CA GLN A 858 28.14 14.17 -19.73
C GLN A 858 27.62 13.05 -20.61
N ASP A 859 27.57 11.82 -20.07
CA ASP A 859 27.05 10.70 -20.85
C ASP A 859 25.62 10.97 -21.31
N PHE A 860 24.71 11.20 -20.36
CA PHE A 860 23.31 11.44 -20.71
C PHE A 860 23.18 12.61 -21.67
N LEU A 861 23.83 13.74 -21.35
CA LEU A 861 23.74 14.92 -22.20
C LEU A 861 24.16 14.59 -23.63
N ILE A 862 25.32 13.94 -23.79
CA ILE A 862 25.77 13.56 -25.12
C ILE A 862 24.77 12.63 -25.78
N VAL A 863 24.04 11.83 -24.98
CA VAL A 863 23.04 10.93 -25.55
C VAL A 863 21.80 11.70 -26.00
N ILE A 864 21.52 12.86 -25.41
CA ILE A 864 20.35 13.63 -25.81
C ILE A 864 20.59 14.41 -27.10
N SER A 865 21.83 14.65 -27.47
CA SER A 865 22.14 15.36 -28.71
C SER A 865 23.30 14.70 -29.43
N THR A 872 24.46 20.79 -24.77
CA THR A 872 24.05 21.90 -23.91
C THR A 872 23.15 22.87 -24.67
N LYS A 873 23.59 23.27 -25.86
CA LYS A 873 22.86 24.22 -26.70
C LYS A 873 22.38 23.48 -27.94
N THR A 874 21.29 22.74 -27.79
CA THR A 874 20.71 21.97 -28.89
C THR A 874 19.20 21.93 -28.71
N ARG A 875 18.49 21.93 -29.84
CA ARG A 875 17.03 21.86 -29.80
C ARG A 875 16.57 20.66 -28.97
N GLU A 876 17.28 19.55 -29.07
CA GLU A 876 16.95 18.37 -28.26
C GLU A 876 16.97 18.72 -26.78
N PHE A 877 18.02 19.42 -26.34
CA PHE A 877 18.09 19.82 -24.94
C PHE A 877 16.96 20.76 -24.57
N GLU A 878 16.55 21.64 -25.49
CA GLU A 878 15.42 22.53 -25.23
C GLU A 878 14.16 21.72 -24.97
N ARG A 879 13.83 20.80 -25.89
CA ARG A 879 12.69 19.92 -25.67
C ARG A 879 12.81 19.18 -24.35
N PHE A 880 14.02 18.78 -23.99
CA PHE A 880 14.24 18.11 -22.71
C PHE A 880 13.83 18.99 -21.54
N GLN A 881 14.35 20.23 -21.51
CA GLN A 881 14.00 21.16 -20.45
C GLN A 881 12.49 21.37 -20.39
N GLU A 882 11.84 21.55 -21.54
CA GLU A 882 10.39 21.67 -21.56
C GLU A 882 9.74 20.46 -20.90
N MET A 883 10.27 19.26 -21.19
CA MET A 883 9.72 18.04 -20.58
C MET A 883 9.85 18.08 -19.07
N CYS A 884 11.05 18.35 -18.56
CA CYS A 884 11.25 18.36 -17.11
C CYS A 884 10.35 19.40 -16.44
N TYR A 885 10.22 20.59 -17.05
CA TYR A 885 9.33 21.60 -16.50
C TYR A 885 7.89 21.09 -16.44
N LYS A 886 7.37 20.62 -17.58
CA LYS A 886 6.00 20.11 -17.60
C LYS A 886 5.78 19.05 -16.53
N ALA A 887 6.71 18.11 -16.41
CA ALA A 887 6.58 17.07 -15.39
C ALA A 887 6.52 17.67 -14.00
N TYR A 888 7.48 18.56 -13.69
CA TYR A 888 7.50 19.18 -12.37
C TYR A 888 6.16 19.84 -12.04
N LEU A 889 5.60 20.58 -12.99
CA LEU A 889 4.29 21.17 -12.78
C LEU A 889 3.25 20.09 -12.51
N ALA A 890 3.23 19.05 -13.34
CA ALA A 890 2.23 17.99 -13.20
C ALA A 890 2.27 17.37 -11.81
N ILE A 891 3.47 17.21 -11.24
CA ILE A 891 3.56 16.60 -9.91
C ILE A 891 3.19 17.61 -8.83
N ARG A 892 3.64 18.85 -8.97
CA ARG A 892 3.21 19.90 -8.04
C ARG A 892 1.69 20.02 -8.00
N GLN A 893 1.00 19.61 -9.06
CA GLN A 893 -0.46 19.62 -9.08
C GLN A 893 -1.07 18.47 -8.27
N HIS A 894 -0.25 17.54 -7.77
CA HIS A 894 -0.73 16.44 -6.94
C HIS A 894 0.11 16.25 -5.69
N ALA A 895 0.92 17.24 -5.34
CA ALA A 895 1.60 17.29 -4.04
C ALA A 895 0.66 16.88 -2.91
N ASN A 896 -0.61 17.29 -2.99
CA ASN A 896 -1.58 16.84 -1.99
C ASN A 896 -1.65 15.33 -1.95
N LEU A 897 -1.83 14.69 -3.11
CA LEU A 897 -1.91 13.23 -3.16
C LEU A 897 -0.65 12.60 -2.55
N PHE A 898 0.53 13.02 -3.01
CA PHE A 898 1.75 12.36 -2.55
C PHE A 898 1.96 12.57 -1.05
N ILE A 899 1.86 13.81 -0.58
CA ILE A 899 1.98 14.10 0.84
C ILE A 899 1.03 13.21 1.64
N ASN A 900 -0.21 13.09 1.16
CA ASN A 900 -1.17 12.20 1.81
C ASN A 900 -0.63 10.77 1.88
N LEU A 901 -0.09 10.27 0.76
CA LEU A 901 0.44 8.91 0.74
C LEU A 901 1.49 8.71 1.82
N PHE A 902 2.47 9.62 1.89
CA PHE A 902 3.50 9.48 2.92
C PHE A 902 2.90 9.54 4.32
N SER A 903 2.10 10.58 4.59
CA SER A 903 1.45 10.70 5.89
C SER A 903 0.76 9.41 6.31
N MET A 904 0.16 8.71 5.34
CA MET A 904 -0.43 7.41 5.64
C MET A 904 0.64 6.37 5.93
N MET A 905 1.74 6.40 5.18
CA MET A 905 2.81 5.43 5.39
C MET A 905 3.58 5.66 6.69
N LEU A 906 3.31 6.75 7.41
CA LEU A 906 3.98 6.96 8.69
C LEU A 906 3.86 5.75 9.60
N GLY A 907 2.68 5.12 9.65
CA GLY A 907 2.45 4.02 10.56
C GLY A 907 3.52 2.93 10.48
N SER A 908 4.04 2.69 9.29
CA SER A 908 5.09 1.68 9.13
C SER A 908 6.39 2.20 9.73
N GLY A 909 7.11 1.30 10.41
CA GLY A 909 8.34 1.68 11.08
C GLY A 909 9.52 1.85 10.15
N MET A 910 9.34 2.61 9.08
CA MET A 910 10.44 2.85 8.15
C MET A 910 11.34 3.95 8.70
N PRO A 911 12.67 3.77 8.62
CA PRO A 911 13.56 4.76 9.26
C PRO A 911 13.48 6.14 8.64
N GLU A 912 13.56 6.22 7.31
CA GLU A 912 13.60 7.51 6.63
C GLU A 912 12.25 8.22 6.72
N LEU A 913 11.31 7.66 7.48
CA LEU A 913 9.96 8.22 7.57
C LEU A 913 9.42 7.94 8.98
N GLN A 914 9.86 8.76 9.94
CA GLN A 914 9.44 8.62 11.32
C GLN A 914 8.55 9.74 11.83
N SER A 915 8.50 10.88 11.12
CA SER A 915 7.67 12.00 11.55
C SER A 915 7.35 12.86 10.34
N PHE A 916 6.34 13.72 10.50
CA PHE A 916 5.98 14.64 9.42
C PHE A 916 7.16 15.50 9.00
N ASP A 917 8.11 15.72 9.92
CA ASP A 917 9.33 16.47 9.56
C ASP A 917 10.00 15.87 8.34
N ASP A 918 10.04 14.54 8.26
CA ASP A 918 10.64 13.88 7.09
C ASP A 918 9.84 14.17 5.83
N ILE A 919 8.53 14.35 5.95
CA ILE A 919 7.71 14.57 4.77
C ILE A 919 7.79 16.01 4.29
N ALA A 920 7.98 16.97 5.21
CA ALA A 920 8.07 18.37 4.81
C ALA A 920 9.06 18.61 3.70
N TYR A 921 10.05 17.72 3.53
CA TYR A 921 11.03 17.87 2.46
C TYR A 921 10.35 18.00 1.11
N ILE A 922 9.36 17.15 0.83
CA ILE A 922 8.62 17.26 -0.41
C ILE A 922 7.94 18.63 -0.50
N ARG A 923 7.37 19.09 0.60
CA ARG A 923 6.81 20.45 0.64
C ARG A 923 7.87 21.48 0.27
N LYS A 924 9.14 21.17 0.51
CA LYS A 924 10.21 22.07 0.08
C LYS A 924 10.47 21.97 -1.41
N THR A 925 10.70 20.75 -1.92
CA THR A 925 11.08 20.59 -3.31
C THR A 925 9.96 20.96 -4.28
N LEU A 926 8.70 20.92 -3.84
CA LEU A 926 7.58 21.24 -4.71
C LEU A 926 7.18 22.71 -4.67
N ALA A 927 7.68 23.48 -3.69
CA ALA A 927 7.37 24.90 -3.58
C ALA A 927 5.86 25.13 -3.47
N LEU A 928 5.28 24.54 -2.43
CA LEU A 928 3.84 24.65 -2.23
C LEU A 928 3.46 26.05 -1.75
N ASP A 929 4.29 26.67 -0.91
CA ASP A 929 4.01 27.99 -0.39
C ASP A 929 4.24 29.09 -1.41
N LYS A 930 4.91 28.80 -2.52
CA LYS A 930 5.13 29.78 -3.57
C LYS A 930 3.99 29.66 -4.60
N THR A 931 4.11 30.41 -5.69
CA THR A 931 3.15 30.35 -6.78
C THR A 931 3.66 29.44 -7.89
N GLU A 932 2.81 29.23 -8.89
CA GLU A 932 3.21 28.40 -10.03
C GLU A 932 4.47 28.94 -10.67
N GLN A 933 4.50 30.24 -10.97
CA GLN A 933 5.69 30.84 -11.57
C GLN A 933 6.88 30.74 -10.63
N GLU A 934 6.69 31.11 -9.37
CA GLU A 934 7.76 31.03 -8.39
C GLU A 934 8.37 29.63 -8.36
N ALA A 935 7.52 28.61 -8.25
CA ALA A 935 8.01 27.23 -8.27
C ALA A 935 8.74 26.93 -9.58
N LEU A 936 8.24 27.46 -10.69
CA LEU A 936 8.91 27.24 -11.98
C LEU A 936 10.35 27.75 -11.92
N GLU A 937 10.53 29.02 -11.56
CA GLU A 937 11.88 29.56 -11.42
C GLU A 937 12.70 28.74 -10.44
N TYR A 938 12.06 28.25 -9.37
CA TYR A 938 12.76 27.43 -8.38
C TYR A 938 13.33 26.17 -9.03
N PHE A 939 12.54 25.49 -9.86
CA PHE A 939 13.02 24.27 -10.49
C PHE A 939 14.07 24.56 -11.56
N MET A 940 13.88 25.64 -12.33
CA MET A 940 14.89 26.01 -13.31
C MET A 940 16.23 26.26 -12.64
N LYS A 941 16.26 27.12 -11.63
CA LYS A 941 17.51 27.40 -10.92
C LYS A 941 18.07 26.14 -10.28
N GLN A 942 17.20 25.33 -9.66
CA GLN A 942 17.67 24.10 -9.03
C GLN A 942 18.34 23.17 -10.03
N MET A 943 17.82 23.11 -11.25
CA MET A 943 18.40 22.27 -12.28
C MET A 943 19.59 22.92 -12.98
N ASN A 944 19.80 24.23 -12.81
CA ASN A 944 21.02 24.85 -13.29
C ASN A 944 22.22 24.38 -12.45
N ASP A 945 22.05 24.26 -11.14
CA ASP A 945 23.11 23.81 -10.26
C ASP A 945 23.58 22.40 -10.64
N ALA A 946 24.44 22.32 -11.65
CA ALA A 946 24.96 21.03 -12.11
C ALA A 946 25.77 20.35 -11.01
C10 M1J B . 18.16 -4.07 -6.13
N12 M1J B . 20.06 -4.81 -7.61
C13 M1J B . 20.55 -5.18 -8.81
C15 M1J B . 22.29 -6.58 -9.98
C21 M1J B . 18.45 -4.86 -9.80
C24 M1J B . 15.40 -4.47 -12.20
C26 M1J B . 17.05 -5.54 -13.42
C28 M1J B . 17.76 -7.24 -11.67
C02 M1J B . 16.99 -3.15 -3.87
C03 M1J B . 17.74 -4.27 -3.80
C04 M1J B . 18.35 -4.77 -4.93
C05 M1J B . 19.21 -6.07 -4.82
C09 M1J B . 17.39 -2.95 -6.12
C11 M1J B . 18.77 -4.49 -7.49
C16 M1J B . 23.44 -6.16 -10.95
C18 M1J B . 24.44 -4.86 -9.30
C19 M1J B . 22.94 -4.46 -8.99
C23 M1J B . 16.10 -4.82 -10.86
C27 M1J B . 17.91 -5.77 -12.14
F06 M1J B . 20.53 -5.76 -4.63
F07 M1J B . 19.10 -6.87 -5.94
N01 M1J B . 16.32 -2.60 -2.62
N08 M1J B . 16.83 -2.52 -5.03
N14 M1J B . 21.95 -5.53 -8.97
N20 M1J B . 19.73 -5.19 -9.92
N22 M1J B . 17.57 -4.90 -11.02
N29 M1J B . 17.95 -4.51 -8.61
O17 M1J B . 24.60 -5.91 -10.23
O25 M1J B . 15.68 -5.42 -13.17
H151 M1J B . 21.49 -6.77 -10.51
H152 M1J B . 22.55 -7.38 -9.52
H242 M1J B . 15.72 -3.61 -12.51
H241 M1J B . 14.45 -4.43 -12.07
H261 M1J B . 17.18 -6.30 -14.01
H262 M1J B . 17.35 -4.74 -13.85
H281 M1J B . 18.64 -7.66 -11.65
H282 M1J B . 17.18 -7.71 -12.29
H283 M1J B . 17.37 -7.27 -10.78
H031 M1J B . 17.84 -4.71 -2.98
H051 M1J B . 18.91 -6.59 -4.04
H091 M1J B . 17.26 -2.48 -6.91
H162 M1J B . 23.62 -6.87 -11.57
H161 M1J B . 23.19 -5.35 -11.43
H181 M1J B . 24.86 -5.13 -8.47
H182 M1J B . 24.90 -4.08 -9.64
H192 M1J B . 22.66 -3.81 -9.65
H191 M1J B . 22.93 -4.04 -8.11
H232 M1J B . 15.76 -5.67 -10.55
H231 M1J B . 15.88 -4.14 -10.22
H271 M1J B . 18.84 -5.61 -12.36
H011 M1J B . 16.36 -1.76 -2.45
H012 M1J B . 15.91 -3.12 -2.08
#